data_3HPN
#
_entry.id   3HPN
#
_cell.length_a   41.271
_cell.length_b   91.187
_cell.length_c   91.132
_cell.angle_alpha   117.140
_cell.angle_beta   97.270
_cell.angle_gamma   100.790
#
_symmetry.space_group_name_H-M   'P 1'
#
loop_
_entity.id
_entity.type
_entity.pdbx_description
1 polymer 'Ephrin type-A receptor 2'
2 water water
#
_entity_poly.entity_id   1
_entity_poly.type   'polypeptide(L)'
_entity_poly.pdbx_seq_one_letter_code
;EVVLLDFAAAGGELGWLTHPYGKGWDLMQNIMNDMPIYMYSVCNVMSGDQDNWLRTNWVYRGEAERIFIELKFTVRDCNS
FPGGASSCKETFNLYYAESDLDYGTNFQKRLFTKIDTIAPDEITVSSDFEARHVKLNVEERSVGPLTRKGFYLAFQDIGA
CVALLSVRVYYKKC
;
_entity_poly.pdbx_strand_id   A,B,C,D,E,F
#
# COMPACT_ATOMS: atom_id res chain seq x y z
N GLU A 1 45.32 4.56 22.57
CA GLU A 1 44.27 5.41 23.23
C GLU A 1 43.32 4.53 24.04
N VAL A 2 43.04 4.94 25.28
CA VAL A 2 42.10 4.26 26.15
C VAL A 2 40.85 5.13 26.26
N VAL A 3 39.73 4.58 25.80
CA VAL A 3 38.50 5.34 25.68
C VAL A 3 37.72 5.25 26.97
N LEU A 4 37.37 6.39 27.54
CA LEU A 4 36.64 6.40 28.80
C LEU A 4 35.16 6.61 28.57
N LEU A 5 34.88 7.43 27.56
CA LEU A 5 33.51 7.74 27.19
C LEU A 5 33.51 7.94 25.68
N ASP A 6 32.47 7.41 25.06
CA ASP A 6 32.29 7.53 23.64
C ASP A 6 30.82 7.63 23.27
N PHE A 7 30.31 8.86 23.13
CA PHE A 7 28.89 9.11 22.88
C PHE A 7 28.33 8.43 21.64
N ALA A 8 29.04 8.59 20.53
CA ALA A 8 28.60 8.08 19.23
C ALA A 8 28.56 6.56 19.15
N ALA A 9 29.26 5.87 20.05
CA ALA A 9 29.30 4.40 20.07
C ALA A 9 28.08 3.82 20.77
N ALA A 10 27.93 2.50 20.65
CA ALA A 10 26.63 1.84 20.74
C ALA A 10 25.92 1.86 22.08
N GLY A 11 25.70 3.05 22.64
CA GLY A 11 24.95 3.15 23.87
C GLY A 11 25.57 4.24 24.67
N GLY A 12 26.38 5.05 23.98
CA GLY A 12 26.97 6.23 24.61
C GLY A 12 25.93 7.34 24.85
N GLU A 13 24.76 7.23 24.19
CA GLU A 13 23.70 8.26 24.28
C GLU A 13 22.88 8.13 25.57
N LEU A 14 23.09 7.04 26.31
CA LEU A 14 22.37 6.82 27.56
C LEU A 14 23.08 7.43 28.76
N GLY A 15 22.28 7.82 29.75
CA GLY A 15 22.80 8.19 31.06
C GLY A 15 23.26 9.64 31.22
N TRP A 16 22.83 10.58 30.33
CA TRP A 16 23.14 12.02 30.46
C TRP A 16 22.02 12.85 31.07
N LEU A 17 22.40 13.82 31.88
CA LEU A 17 21.49 14.70 32.57
C LEU A 17 21.42 16.06 31.87
N THR A 18 20.19 16.58 31.73
CA THR A 18 19.97 17.91 31.17
C THR A 18 19.29 18.83 32.17
N HIS A 19 19.86 20.03 32.33
CA HIS A 19 19.34 20.98 33.27
C HIS A 19 19.49 22.35 32.63
N PRO A 20 18.39 23.13 32.57
CA PRO A 20 17.05 22.77 33.01
C PRO A 20 16.46 21.72 32.08
N TYR A 21 15.44 21.01 32.52
CA TYR A 21 14.92 19.95 31.70
C TYR A 21 13.68 20.40 30.98
N GLY A 22 13.60 20.06 29.72
CA GLY A 22 12.36 20.24 29.01
C GLY A 22 12.51 21.14 27.80
N LYS A 23 13.26 22.22 27.98
CA LYS A 23 13.67 23.08 26.87
C LYS A 23 15.14 22.83 26.56
N GLY A 24 16.14 23.48 27.14
CA GLY A 24 17.54 23.21 26.67
C GLY A 24 17.89 22.04 25.75
N TRP A 25 18.95 21.36 26.13
CA TRP A 25 19.53 20.26 25.40
C TRP A 25 18.58 19.08 25.27
N ASP A 26 18.60 18.45 24.12
CA ASP A 26 17.61 17.49 23.74
C ASP A 26 18.27 16.37 22.91
N LEU A 27 18.04 15.12 23.35
CA LEU A 27 18.60 13.96 22.64
C LEU A 27 17.74 13.65 21.45
N MET A 28 18.34 13.61 20.27
CA MET A 28 17.58 13.39 19.05
C MET A 28 18.25 12.29 18.29
N GLN A 29 17.44 11.51 17.57
CA GLN A 29 17.93 10.42 16.75
C GLN A 29 17.69 10.70 15.27
N ASN A 30 18.78 10.85 14.53
CA ASN A 30 18.70 10.79 13.09
C ASN A 30 19.02 9.37 12.63
N ILE A 31 18.62 9.06 11.41
CA ILE A 31 18.82 7.76 10.87
C ILE A 31 19.44 7.93 9.52
N MET A 32 20.53 7.21 9.29
CA MET A 32 21.18 7.23 8.01
C MET A 32 21.54 5.81 7.66
N ASN A 33 21.09 5.37 6.50
CA ASN A 33 21.26 3.99 6.03
C ASN A 33 20.96 2.96 7.12
N ASP A 34 19.80 3.14 7.77
CA ASP A 34 19.35 2.30 8.87
C ASP A 34 20.20 2.38 10.14
N MET A 35 21.24 3.20 10.15
CA MET A 35 22.01 3.39 11.38
C MET A 35 21.43 4.56 12.19
N PRO A 36 21.04 4.32 13.46
CA PRO A 36 20.67 5.42 14.32
C PRO A 36 21.88 6.28 14.63
N ILE A 37 21.73 7.58 14.40
CA ILE A 37 22.77 8.54 14.76
C ILE A 37 22.23 9.61 15.69
N TYR A 38 22.70 9.53 16.94
CA TYR A 38 22.24 10.36 18.04
C TYR A 38 23.06 11.61 18.18
N MET A 39 22.43 12.63 18.77
CA MET A 39 23.04 13.95 18.98
C MET A 39 22.36 14.66 20.14
N TYR A 40 23.11 15.46 20.85
CA TYR A 40 22.48 16.40 21.76
C TYR A 40 22.38 17.78 21.11
N SER A 41 21.17 18.32 21.10
CA SER A 41 20.91 19.49 20.30
C SER A 41 20.12 20.53 21.06
N VAL A 42 20.36 21.81 20.74
CA VAL A 42 19.65 22.95 21.33
C VAL A 42 19.70 24.14 20.38
N CYS A 43 18.59 24.85 20.28
CA CYS A 43 18.49 25.98 19.36
C CYS A 43 17.51 26.99 19.91
N ASN A 44 17.77 27.48 21.14
CA ASN A 44 16.97 28.57 21.70
C ASN A 44 17.65 29.91 21.40
N VAL A 45 17.61 30.28 20.12
CA VAL A 45 18.31 31.47 19.64
C VAL A 45 17.49 32.73 19.73
N MET A 46 16.18 32.59 19.93
CA MET A 46 15.23 33.73 19.89
C MET A 46 14.86 34.30 21.26
N SER A 47 15.38 33.71 22.33
CA SER A 47 15.16 34.26 23.66
C SER A 47 16.49 34.34 24.40
N GLY A 48 16.66 35.42 25.17
CA GLY A 48 17.93 35.65 25.83
C GLY A 48 18.11 34.81 27.08
N ASP A 49 19.20 35.07 27.80
CA ASP A 49 19.40 34.47 29.10
C ASP A 49 19.43 32.95 29.09
N GLN A 50 19.91 32.36 28.00
CA GLN A 50 20.01 30.91 27.90
C GLN A 50 21.17 30.43 28.75
N ASP A 51 20.88 29.41 29.55
CA ASP A 51 21.86 28.79 30.43
C ASP A 51 21.53 27.31 30.52
N ASN A 52 21.79 26.59 29.44
CA ASN A 52 21.38 25.17 29.38
C ASN A 52 22.54 24.21 29.57
N TRP A 53 22.34 23.19 30.38
CA TRP A 53 23.44 22.35 30.78
C TRP A 53 23.21 20.92 30.42
N LEU A 54 24.28 20.30 29.92
CA LEU A 54 24.29 18.92 29.55
C LEU A 54 25.46 18.29 30.27
N ARG A 55 25.16 17.30 31.10
CA ARG A 55 26.17 16.67 31.89
C ARG A 55 26.25 15.18 31.58
N THR A 56 27.47 14.71 31.31
CA THR A 56 27.73 13.29 31.11
C THR A 56 27.47 12.53 32.37
N ASN A 57 27.43 11.19 32.22
CA ASN A 57 27.44 10.21 33.32
C ASN A 57 28.71 10.31 34.12
N TRP A 58 28.72 9.77 35.33
CA TRP A 58 29.97 9.60 36.06
C TRP A 58 31.00 8.81 35.27
N VAL A 59 32.22 9.33 35.16
CA VAL A 59 33.27 8.64 34.43
C VAL A 59 34.41 8.42 35.39
N TYR A 60 34.87 7.15 35.49
CA TYR A 60 36.00 6.76 36.34
C TYR A 60 37.30 7.27 35.76
N ARG A 61 38.22 7.68 36.63
CA ARG A 61 39.50 8.17 36.22
C ARG A 61 40.46 7.05 35.86
N GLY A 62 40.42 5.94 36.61
CA GLY A 62 41.44 4.89 36.56
C GLY A 62 42.82 5.46 36.84
N GLU A 63 43.77 5.20 35.95
CA GLU A 63 45.12 5.70 36.13
C GLU A 63 45.41 6.91 35.25
N ALA A 64 44.39 7.44 34.57
CA ALA A 64 44.47 8.64 33.72
C ALA A 64 44.87 9.85 34.51
N GLU A 65 45.81 10.64 33.99
CA GLU A 65 46.20 11.91 34.60
C GLU A 65 45.72 13.08 33.75
N ARG A 66 45.97 12.99 32.45
CA ARG A 66 45.47 13.95 31.47
C ARG A 66 44.54 13.26 30.49
N ILE A 67 43.30 13.72 30.44
CA ILE A 67 42.36 13.14 29.53
C ILE A 67 42.24 14.06 28.34
N PHE A 68 41.94 13.47 27.19
CA PHE A 68 41.72 14.24 25.98
C PHE A 68 40.24 14.16 25.63
N ILE A 69 39.70 15.29 25.18
CA ILE A 69 38.26 15.39 24.93
C ILE A 69 38.01 15.86 23.52
N GLU A 70 37.43 14.98 22.71
CA GLU A 70 37.16 15.27 21.30
C GLU A 70 35.66 15.51 21.07
N LEU A 71 35.36 16.69 20.53
CA LEU A 71 33.98 17.09 20.25
C LEU A 71 33.73 17.30 18.79
N LYS A 72 32.61 16.74 18.31
CA LYS A 72 32.15 16.96 16.95
C LYS A 72 30.77 17.57 17.00
N PHE A 73 30.59 18.64 16.26
CA PHE A 73 29.40 19.46 16.38
C PHE A 73 29.21 20.36 15.16
N THR A 74 27.96 20.79 14.96
CA THR A 74 27.63 21.80 13.99
C THR A 74 27.05 22.99 14.71
N VAL A 75 27.28 24.15 14.12
CA VAL A 75 26.73 25.40 14.64
C VAL A 75 25.99 26.10 13.50
N ARG A 76 24.71 26.35 13.70
CA ARG A 76 23.94 27.08 12.70
C ARG A 76 24.26 28.60 12.76
N ASP A 77 24.51 29.19 11.59
CA ASP A 77 24.76 30.62 11.46
C ASP A 77 23.66 31.43 12.10
N CYS A 78 24.04 32.38 12.96
CA CYS A 78 23.04 33.26 13.58
C CYS A 78 22.24 34.11 12.58
N ASN A 79 22.87 34.45 11.45
CA ASN A 79 22.22 35.21 10.39
C ASN A 79 21.21 34.40 9.58
N SER A 80 21.04 33.12 9.89
CA SER A 80 20.03 32.31 9.18
C SER A 80 18.69 32.27 9.89
N PHE A 81 18.53 33.07 10.92
CA PHE A 81 17.25 33.22 11.57
C PHE A 81 16.64 34.56 11.16
N PRO A 82 15.75 34.58 10.15
CA PRO A 82 15.30 35.78 9.43
C PRO A 82 14.96 36.92 10.37
N GLY A 83 15.08 38.17 9.94
CA GLY A 83 14.71 39.31 10.80
C GLY A 83 15.56 39.76 11.98
N GLY A 84 16.49 38.94 12.51
CA GLY A 84 17.26 39.36 13.69
C GLY A 84 17.95 38.38 14.66
N ALA A 85 17.21 37.84 15.62
CA ALA A 85 17.84 36.95 16.66
C ALA A 85 19.11 37.55 17.27
N SER A 86 18.93 38.62 18.04
CA SER A 86 20.06 39.36 18.59
C SER A 86 20.81 38.64 19.71
N SER A 87 20.16 37.67 20.34
CA SER A 87 20.74 36.91 21.46
C SER A 87 21.37 35.61 21.03
N CYS A 88 21.40 35.36 19.72
CA CYS A 88 21.93 34.12 19.18
C CYS A 88 23.45 34.12 19.35
N LYS A 89 24.00 32.96 19.68
CA LYS A 89 25.44 32.84 19.89
C LYS A 89 25.97 31.84 18.95
N GLU A 90 27.27 31.90 18.68
CA GLU A 90 27.90 30.89 17.81
C GLU A 90 28.99 30.08 18.50
N THR A 91 28.92 29.98 19.83
CA THR A 91 29.84 29.19 20.61
C THR A 91 29.07 28.49 21.73
N PHE A 92 29.73 27.51 22.36
CA PHE A 92 29.28 26.92 23.62
C PHE A 92 30.48 26.64 24.55
N ASN A 93 30.21 26.34 25.82
CA ASN A 93 31.24 26.14 26.83
C ASN A 93 31.41 24.71 27.28
N LEU A 94 32.68 24.35 27.52
CA LEU A 94 33.06 23.06 28.03
C LEU A 94 33.54 23.17 29.49
N TYR A 95 32.94 22.34 30.35
CA TYR A 95 33.22 22.30 31.78
C TYR A 95 33.47 20.89 32.26
N TYR A 96 34.07 20.81 33.44
CA TYR A 96 34.23 19.52 34.12
C TYR A 96 34.24 19.72 35.62
N ALA A 97 34.05 18.60 36.34
CA ALA A 97 34.19 18.54 37.79
C ALA A 97 34.70 17.16 38.14
N GLU A 98 35.66 17.10 39.05
CA GLU A 98 36.14 15.86 39.59
C GLU A 98 35.38 15.52 40.85
N SER A 99 35.29 14.23 41.18
CA SER A 99 34.82 13.84 42.51
C SER A 99 35.12 12.39 42.85
N ASP A 100 35.17 12.10 44.13
CA ASP A 100 35.50 10.78 44.60
C ASP A 100 34.22 9.93 44.67
N LEU A 101 33.08 10.56 44.44
CA LEU A 101 31.80 9.88 44.55
C LEU A 101 30.81 10.34 43.50
N ASP A 102 29.87 9.45 43.17
CA ASP A 102 28.81 9.70 42.18
C ASP A 102 27.74 10.63 42.72
N TYR A 103 27.52 11.77 42.06
CA TYR A 103 26.52 12.76 42.49
C TYR A 103 25.09 12.35 42.22
N GLY A 104 24.93 11.31 41.40
CA GLY A 104 23.63 10.92 40.89
C GLY A 104 23.07 12.02 40.01
N THR A 105 21.85 12.46 40.33
CA THR A 105 21.19 13.50 39.54
C THR A 105 21.44 14.88 40.11
N ASN A 106 22.23 14.95 41.16
CA ASN A 106 22.48 16.22 41.79
C ASN A 106 23.57 16.99 41.08
N PHE A 107 23.18 17.76 40.08
CA PHE A 107 24.12 18.59 39.35
C PHE A 107 24.15 20.05 39.82
N GLN A 108 25.36 20.59 40.01
CA GLN A 108 25.49 22.02 40.35
C GLN A 108 26.54 22.75 39.52
N LYS A 109 26.07 23.71 38.74
CA LYS A 109 26.93 24.56 37.92
C LYS A 109 28.19 25.04 38.61
N ARG A 110 28.03 25.44 39.86
CA ARG A 110 29.10 26.10 40.56
C ARG A 110 30.24 25.20 40.94
N LEU A 111 30.01 23.88 40.98
CA LEU A 111 31.05 22.92 41.29
C LEU A 111 31.92 22.61 40.09
N PHE A 112 31.50 23.11 38.92
CA PHE A 112 32.21 22.86 37.65
C PHE A 112 33.20 23.96 37.27
N THR A 113 34.30 23.55 36.64
CA THR A 113 35.37 24.43 36.20
C THR A 113 35.31 24.50 34.68
N LYS A 114 35.44 25.71 34.16
CA LYS A 114 35.46 25.91 32.73
C LYS A 114 36.78 25.45 32.16
N ILE A 115 36.69 24.72 31.03
CA ILE A 115 37.88 24.30 30.30
C ILE A 115 38.21 25.35 29.23
N ASP A 116 37.24 25.66 28.38
CA ASP A 116 37.39 26.54 27.25
C ASP A 116 36.04 26.86 26.63
N THR A 117 35.99 27.98 25.93
CA THR A 117 34.95 28.26 24.94
C THR A 117 35.21 27.36 23.75
N ILE A 118 34.14 26.76 23.22
CA ILE A 118 34.24 25.92 22.03
C ILE A 118 33.59 26.63 20.86
N ALA A 119 34.34 26.78 19.78
CA ALA A 119 33.99 27.64 18.66
C ALA A 119 34.19 26.89 17.34
N PRO A 120 33.23 27.00 16.41
CA PRO A 120 33.32 26.31 15.13
C PRO A 120 34.27 27.02 14.18
N ASP A 121 35.17 26.25 13.56
CA ASP A 121 35.91 26.68 12.39
C ASP A 121 34.96 27.05 11.26
N GLU A 122 33.88 26.27 11.14
CA GLU A 122 32.92 26.41 10.05
C GLU A 122 31.47 26.49 10.55
N ILE A 123 30.87 27.64 10.36
CA ILE A 123 29.47 27.81 10.66
C ILE A 123 28.70 27.20 9.51
N THR A 124 27.49 26.73 9.75
CA THR A 124 26.68 26.23 8.65
C THR A 124 25.75 27.33 8.23
N VAL A 125 25.91 27.83 7.01
CA VAL A 125 25.04 28.93 6.55
C VAL A 125 23.70 28.40 6.00
N SER A 126 22.77 29.32 5.87
CA SER A 126 21.45 29.06 5.33
C SER A 126 21.41 28.11 4.10
N SER A 127 22.21 28.41 3.08
CA SER A 127 22.22 27.63 1.86
C SER A 127 22.86 26.24 2.01
N ASP A 128 23.72 26.08 3.00
CA ASP A 128 24.35 24.78 3.27
C ASP A 128 23.37 23.62 3.48
N PHE A 129 22.22 23.90 4.10
CA PHE A 129 21.23 22.84 4.35
C PHE A 129 20.70 22.24 3.08
N GLU A 130 20.24 23.06 2.16
CA GLU A 130 19.70 22.57 0.90
C GLU A 130 20.78 22.04 0.00
N ALA A 131 22.00 22.56 0.17
CA ALA A 131 23.15 22.05 -0.55
C ALA A 131 23.66 20.71 0.04
N ARG A 132 23.05 20.26 1.13
CA ARG A 132 23.53 19.08 1.86
C ARG A 132 25.02 19.23 2.21
N HIS A 133 25.42 20.42 2.65
CA HIS A 133 26.82 20.76 2.86
C HIS A 133 26.93 21.21 4.31
N VAL A 134 26.28 20.48 5.21
CA VAL A 134 26.31 20.83 6.62
C VAL A 134 27.73 20.66 7.18
N LYS A 135 28.19 21.61 7.96
CA LYS A 135 29.60 21.62 8.36
C LYS A 135 29.85 21.04 9.73
N LEU A 136 30.59 19.93 9.72
CA LEU A 136 30.95 19.25 10.93
C LEU A 136 32.30 19.78 11.45
N ASN A 137 32.29 20.30 12.67
CA ASN A 137 33.50 20.75 13.36
C ASN A 137 34.10 19.72 14.32
N VAL A 138 35.42 19.68 14.40
CA VAL A 138 36.12 18.81 15.34
C VAL A 138 36.99 19.69 16.20
N GLU A 139 36.81 19.58 17.51
CA GLU A 139 37.58 20.37 18.46
C GLU A 139 38.06 19.46 19.56
N GLU A 140 39.36 19.55 19.88
CA GLU A 140 39.92 18.79 20.99
C GLU A 140 40.46 19.68 22.08
N ARG A 141 40.21 19.27 23.32
CA ARG A 141 40.77 19.91 24.49
C ARG A 141 41.28 18.83 25.45
N SER A 142 42.16 19.20 26.37
CA SER A 142 42.63 18.28 27.37
C SER A 142 42.61 18.90 28.76
N VAL A 143 42.50 18.06 29.78
CA VAL A 143 42.43 18.51 31.16
C VAL A 143 43.28 17.62 32.03
N GLY A 144 43.84 18.19 33.08
CA GLY A 144 44.75 17.44 33.92
C GLY A 144 45.67 18.32 34.74
N PRO A 145 46.34 17.73 35.73
CA PRO A 145 46.16 16.31 36.10
C PRO A 145 44.88 16.04 36.92
N LEU A 146 44.19 14.97 36.56
CA LEU A 146 43.05 14.49 37.35
C LEU A 146 43.57 13.61 38.49
N THR A 147 42.93 13.69 39.65
CA THR A 147 43.42 12.94 40.80
C THR A 147 42.34 12.16 41.51
N ARG A 148 41.06 12.47 41.24
CA ARG A 148 39.94 11.87 41.98
C ARG A 148 39.52 10.55 41.37
N LYS A 149 38.61 9.87 42.05
CA LYS A 149 38.15 8.59 41.61
C LYS A 149 37.45 8.72 40.26
N GLY A 150 36.72 9.82 40.07
CA GLY A 150 36.01 10.07 38.84
C GLY A 150 35.80 11.53 38.48
N PHE A 151 35.00 11.74 37.44
CA PHE A 151 34.84 13.03 36.88
C PHE A 151 33.64 13.09 35.96
N TYR A 152 33.16 14.32 35.73
CA TYR A 152 32.07 14.61 34.85
C TYR A 152 32.54 15.64 33.88
N LEU A 153 31.95 15.60 32.70
CA LEU A 153 32.08 16.64 31.74
C LEU A 153 30.72 17.28 31.62
N ALA A 154 30.67 18.58 31.32
CA ALA A 154 29.38 19.26 31.08
C ALA A 154 29.47 20.35 29.99
N PHE A 155 28.35 20.60 29.34
CA PHE A 155 28.25 21.52 28.25
C PHE A 155 27.18 22.57 28.52
N GLN A 156 27.62 23.83 28.52
CA GLN A 156 26.74 24.92 28.70
C GLN A 156 26.45 25.56 27.35
N ASP A 157 25.17 25.54 27.02
CA ASP A 157 24.65 26.35 25.94
C ASP A 157 24.24 27.72 26.49
N ILE A 158 24.69 28.79 25.83
CA ILE A 158 24.38 30.17 26.22
C ILE A 158 23.45 30.83 25.20
N GLY A 159 22.94 30.05 24.25
CA GLY A 159 22.02 30.61 23.24
C GLY A 159 22.43 30.45 21.78
N ALA A 160 23.13 29.35 21.49
CA ALA A 160 23.53 28.99 20.14
C ALA A 160 22.60 27.90 19.57
N CYS A 161 22.72 27.62 18.26
CA CYS A 161 22.05 26.52 17.63
C CYS A 161 23.12 25.51 17.33
N VAL A 162 23.36 24.63 18.30
CA VAL A 162 24.41 23.59 18.26
C VAL A 162 23.87 22.17 18.20
N ALA A 163 24.46 21.36 17.34
CA ALA A 163 24.23 19.95 17.41
C ALA A 163 25.52 19.28 17.79
N LEU A 164 25.56 18.75 19.01
CA LEU A 164 26.68 17.98 19.47
C LEU A 164 26.57 16.48 19.05
N LEU A 165 27.37 16.11 18.05
CA LEU A 165 27.23 14.82 17.38
C LEU A 165 28.11 13.72 17.95
N SER A 166 29.14 14.09 18.68
CA SER A 166 30.14 13.13 19.12
C SER A 166 30.92 13.70 20.28
N VAL A 167 31.16 12.85 21.27
CA VAL A 167 31.93 13.20 22.46
C VAL A 167 32.75 12.00 22.88
N ARG A 168 34.04 12.10 22.68
CA ARG A 168 34.95 11.01 22.90
C ARG A 168 36.02 11.52 23.85
N VAL A 169 36.19 10.78 24.95
CA VAL A 169 37.12 11.14 26.00
C VAL A 169 38.06 9.99 26.18
N TYR A 170 39.36 10.28 26.12
CA TYR A 170 40.34 9.20 26.18
C TYR A 170 41.60 9.73 26.80
N TYR A 171 42.47 8.80 27.21
CA TYR A 171 43.80 9.20 27.63
C TYR A 171 44.86 8.36 26.96
N LYS A 172 46.10 8.79 27.07
CA LYS A 172 47.18 8.11 26.38
C LYS A 172 47.95 7.20 27.31
N LYS A 173 47.96 5.91 26.99
CA LYS A 173 48.59 4.91 27.83
C LYS A 173 49.59 4.19 26.95
N CYS A 174 50.86 4.24 27.35
CA CYS A 174 51.95 3.62 26.59
C CYS A 174 52.12 4.20 25.18
N GLU B 1 21.48 28.67 -14.68
CA GLU B 1 20.84 27.36 -14.52
C GLU B 1 19.33 27.57 -14.25
N VAL B 2 18.50 26.83 -14.95
CA VAL B 2 17.05 26.88 -14.71
C VAL B 2 16.61 25.58 -14.04
N VAL B 3 16.06 25.72 -12.84
CA VAL B 3 15.84 24.58 -11.99
C VAL B 3 14.44 24.05 -12.20
N LEU B 4 14.32 22.81 -12.67
CA LEU B 4 13.00 22.22 -12.92
C LEU B 4 12.45 21.46 -11.70
N LEU B 5 13.35 20.85 -10.95
CA LEU B 5 12.99 20.07 -9.81
C LEU B 5 14.14 20.16 -8.86
N ASP B 6 13.82 20.28 -7.57
CA ASP B 6 14.82 20.40 -6.51
C ASP B 6 14.31 19.79 -5.21
N PHE B 7 14.65 18.55 -4.96
CA PHE B 7 14.09 17.76 -3.85
C PHE B 7 14.41 18.35 -2.46
N ALA B 8 15.66 18.75 -2.25
CA ALA B 8 16.12 19.25 -0.98
C ALA B 8 15.53 20.63 -0.62
N ALA B 9 15.00 21.35 -1.61
CA ALA B 9 14.41 22.68 -1.40
C ALA B 9 13.00 22.57 -0.83
N ALA B 10 12.44 23.71 -0.41
CA ALA B 10 11.34 23.74 0.58
C ALA B 10 9.98 23.15 0.20
N GLY B 11 9.95 21.92 -0.29
CA GLY B 11 8.68 21.31 -0.63
C GLY B 11 8.92 20.41 -1.82
N GLY B 12 10.20 20.12 -2.06
CA GLY B 12 10.59 19.22 -3.13
C GLY B 12 10.33 17.76 -2.76
N GLU B 13 10.13 17.51 -1.47
CA GLU B 13 9.86 16.17 -0.97
C GLU B 13 8.42 15.68 -1.24
N LEU B 14 7.53 16.58 -1.65
CA LEU B 14 6.14 16.23 -1.89
C LEU B 14 5.92 15.71 -3.30
N GLY B 15 5.00 14.76 -3.43
CA GLY B 15 4.48 14.44 -4.74
C GLY B 15 5.19 13.32 -5.46
N TRP B 16 5.94 12.48 -4.72
CA TRP B 16 6.63 11.34 -5.35
C TRP B 16 5.88 10.03 -5.13
N LEU B 17 5.97 9.15 -6.13
CA LEU B 17 5.31 7.88 -6.12
C LEU B 17 6.32 6.77 -5.89
N THR B 18 5.96 5.82 -5.02
CA THR B 18 6.80 4.64 -4.77
C THR B 18 6.06 3.39 -5.18
N HIS B 19 6.76 2.53 -5.91
CA HIS B 19 6.21 1.27 -6.32
C HIS B 19 7.28 0.18 -6.23
N PRO B 20 6.97 -0.94 -5.56
CA PRO B 20 5.73 -1.25 -4.82
C PRO B 20 5.67 -0.45 -3.53
N TYR B 21 4.48 -0.12 -3.08
CA TYR B 21 4.34 0.69 -1.88
C TYR B 21 4.37 -0.11 -0.57
N GLY B 22 5.11 0.42 0.43
CA GLY B 22 5.03 -0.14 1.77
C GLY B 22 6.37 -0.65 2.24
N LYS B 23 7.10 -1.28 1.31
CA LYS B 23 8.47 -1.69 1.58
C LYS B 23 9.32 -0.74 0.75
N GLY B 24 10.14 -1.18 -0.18
CA GLY B 24 10.90 -0.19 -0.96
C GLY B 24 11.27 1.16 -0.35
N TRP B 25 11.24 2.18 -1.21
CA TRP B 25 11.71 3.52 -0.92
C TRP B 25 10.82 4.24 0.08
N ASP B 26 11.42 5.01 0.98
CA ASP B 26 10.74 5.57 2.13
C ASP B 26 11.21 7.02 2.38
N LEU B 27 10.24 7.92 2.47
CA LEU B 27 10.55 9.31 2.77
C LEU B 27 10.80 9.54 4.27
N MET B 28 12.02 9.88 4.62
CA MET B 28 12.39 10.05 5.99
C MET B 28 12.82 11.49 6.26
N GLN B 29 12.48 11.99 7.44
CA GLN B 29 12.95 13.30 7.89
C GLN B 29 14.02 13.27 8.97
N ASN B 30 15.25 13.57 8.62
CA ASN B 30 16.20 13.96 9.62
C ASN B 30 16.11 15.47 9.97
N ILE B 31 16.67 15.83 11.11
CA ILE B 31 16.59 17.18 11.58
C ILE B 31 17.99 17.51 12.02
N MET B 32 18.48 18.64 11.55
CA MET B 32 19.78 19.13 11.95
C MET B 32 19.68 20.63 12.14
N ASN B 33 20.04 21.07 13.34
CA ASN B 33 19.90 22.45 13.76
C ASN B 33 18.52 23.00 13.41
N ASP B 34 17.48 22.23 13.78
CA ASP B 34 16.09 22.60 13.59
C ASP B 34 15.67 22.68 12.14
N MET B 35 16.56 22.31 11.24
CA MET B 35 16.19 22.23 9.83
C MET B 35 15.77 20.80 9.44
N PRO B 36 14.56 20.66 8.89
CA PRO B 36 14.18 19.36 8.36
C PRO B 36 15.03 19.04 7.15
N ILE B 37 15.62 17.85 7.17
CA ILE B 37 16.36 17.33 6.01
C ILE B 37 15.86 15.95 5.58
N TYR B 38 15.13 15.94 4.47
CA TYR B 38 14.39 14.81 3.94
C TYR B 38 15.29 14.02 3.03
N MET B 39 14.93 12.75 2.85
CA MET B 39 15.67 11.80 2.04
C MET B 39 14.75 10.65 1.63
N TYR B 40 15.01 10.08 0.47
CA TYR B 40 14.35 8.85 0.12
C TYR B 40 15.36 7.72 0.33
N SER B 41 14.93 6.71 1.06
CA SER B 41 15.86 5.74 1.56
C SER B 41 15.28 4.33 1.49
N VAL B 42 16.17 3.37 1.24
CA VAL B 42 15.79 1.98 1.16
C VAL B 42 17.00 1.14 1.56
N CYS B 43 16.74 0.06 2.29
CA CYS B 43 17.78 -0.83 2.77
C CYS B 43 17.27 -2.30 2.89
N ASN B 44 16.72 -2.85 1.82
CA ASN B 44 16.32 -4.27 1.83
C ASN B 44 17.44 -5.13 1.31
N VAL B 45 18.50 -5.23 2.09
CA VAL B 45 19.74 -5.87 1.61
C VAL B 45 19.78 -7.37 1.87
N MET B 46 18.85 -7.85 2.70
CA MET B 46 18.84 -9.21 3.22
C MET B 46 17.88 -10.12 2.49
N SER B 47 17.10 -9.57 1.57
CA SER B 47 16.23 -10.43 0.74
C SER B 47 16.48 -10.09 -0.72
N GLY B 48 16.53 -11.12 -1.57
CA GLY B 48 16.87 -10.90 -2.97
C GLY B 48 15.70 -10.36 -3.76
N ASP B 49 15.86 -10.26 -5.08
CA ASP B 49 14.75 -9.87 -5.98
C ASP B 49 14.15 -8.47 -5.68
N GLN B 50 14.99 -7.56 -5.19
CA GLN B 50 14.50 -6.21 -4.94
C GLN B 50 14.31 -5.51 -6.26
N ASP B 51 13.17 -4.88 -6.40
CA ASP B 51 12.82 -4.09 -7.57
C ASP B 51 11.95 -2.93 -7.08
N ASN B 52 12.59 -1.99 -6.41
CA ASN B 52 11.85 -0.87 -5.86
C ASN B 52 12.00 0.42 -6.69
N TRP B 53 10.88 1.08 -6.93
CA TRP B 53 10.82 2.21 -7.82
C TRP B 53 10.35 3.45 -7.11
N LEU B 54 11.08 4.54 -7.36
CA LEU B 54 10.77 5.88 -6.89
C LEU B 54 10.65 6.79 -8.10
N ARG B 55 9.50 7.41 -8.25
CA ARG B 55 9.22 8.26 -9.38
C ARG B 55 8.87 9.67 -8.92
N THR B 56 9.55 10.64 -9.52
CA THR B 56 9.23 12.04 -9.33
C THR B 56 7.82 12.35 -9.84
N ASN B 57 7.30 13.49 -9.43
CA ASN B 57 6.16 14.17 -10.05
C ASN B 57 6.37 14.40 -11.52
N TRP B 58 5.30 14.70 -12.23
CA TRP B 58 5.43 15.22 -13.58
C TRP B 58 6.22 16.54 -13.64
N VAL B 59 7.22 16.62 -14.52
CA VAL B 59 8.03 17.82 -14.68
C VAL B 59 7.90 18.34 -16.10
N TYR B 60 7.51 19.60 -16.25
CA TYR B 60 7.38 20.24 -17.57
C TYR B 60 8.73 20.49 -18.23
N ARG B 61 8.76 20.34 -19.54
CA ARG B 61 9.99 20.48 -20.28
C ARG B 61 10.32 21.95 -20.55
N GLY B 62 9.28 22.73 -20.82
CA GLY B 62 9.46 24.12 -21.30
C GLY B 62 10.25 24.13 -22.60
N GLU B 63 11.30 24.93 -22.65
CA GLU B 63 12.17 24.97 -23.84
C GLU B 63 13.47 24.17 -23.66
N ALA B 64 13.59 23.42 -22.57
CA ALA B 64 14.75 22.57 -22.30
C ALA B 64 14.89 21.48 -23.35
N GLU B 65 16.11 21.28 -23.83
CA GLU B 65 16.42 20.21 -24.76
C GLU B 65 17.25 19.16 -24.06
N ARG B 66 18.28 19.60 -23.34
CA ARG B 66 19.07 18.72 -22.52
C ARG B 66 18.91 19.12 -21.07
N ILE B 67 18.53 18.16 -20.23
CA ILE B 67 18.44 18.46 -18.82
C ILE B 67 19.59 17.80 -18.11
N PHE B 68 20.03 18.42 -17.02
CA PHE B 68 21.10 17.89 -16.18
C PHE B 68 20.49 17.47 -14.84
N ILE B 69 20.98 16.33 -14.34
CA ILE B 69 20.41 15.70 -13.17
C ILE B 69 21.50 15.47 -12.16
N GLU B 70 21.36 16.11 -11.01
CA GLU B 70 22.39 16.03 -9.97
C GLU B 70 21.83 15.27 -8.79
N LEU B 71 22.55 14.21 -8.40
CA LEU B 71 22.15 13.31 -7.32
C LEU B 71 23.14 13.34 -6.18
N LYS B 72 22.61 13.45 -4.97
CA LYS B 72 23.43 13.31 -3.76
C LYS B 72 22.85 12.19 -2.89
N PHE B 73 23.74 11.26 -2.53
CA PHE B 73 23.34 10.02 -1.93
C PHE B 73 24.47 9.42 -1.13
N THR B 74 24.11 8.53 -0.19
CA THR B 74 25.07 7.69 0.48
C THR B 74 24.69 6.24 0.20
N VAL B 75 25.70 5.39 0.31
CA VAL B 75 25.53 3.97 0.09
C VAL B 75 26.26 3.22 1.20
N ARG B 76 25.53 2.39 1.92
CA ARG B 76 26.12 1.68 3.00
C ARG B 76 26.84 0.45 2.45
N ASP B 77 28.07 0.26 2.94
CA ASP B 77 28.90 -0.88 2.61
C ASP B 77 28.19 -2.21 2.80
N CYS B 78 28.16 -3.02 1.75
CA CYS B 78 27.53 -4.34 1.88
C CYS B 78 28.18 -5.23 2.93
N ASN B 79 29.46 -5.00 3.25
CA ASN B 79 30.18 -5.79 4.26
C ASN B 79 29.88 -5.36 5.71
N SER B 80 29.03 -4.35 5.88
CA SER B 80 28.67 -3.92 7.22
C SER B 80 27.39 -4.58 7.70
N PHE B 81 26.91 -5.57 6.96
CA PHE B 81 25.77 -6.35 7.42
C PHE B 81 26.31 -7.71 7.86
N PRO B 82 26.48 -7.91 9.19
CA PRO B 82 27.27 -9.01 9.76
C PRO B 82 26.89 -10.33 9.16
N GLY B 83 27.79 -11.29 9.09
CA GLY B 83 27.43 -12.62 8.60
C GLY B 83 27.25 -12.90 7.11
N GLY B 84 26.91 -11.91 6.29
CA GLY B 84 26.70 -12.26 4.87
C GLY B 84 26.04 -11.33 3.88
N ALA B 85 24.71 -11.25 3.88
CA ALA B 85 23.96 -10.39 2.90
C ALA B 85 24.46 -10.48 1.45
N SER B 86 24.34 -11.66 0.86
CA SER B 86 24.86 -11.95 -0.48
C SER B 86 24.11 -11.24 -1.60
N SER B 87 22.89 -10.78 -1.33
CA SER B 87 22.06 -10.09 -2.32
C SER B 87 22.15 -8.58 -2.20
N CYS B 88 23.06 -8.11 -1.36
CA CYS B 88 23.23 -6.70 -1.18
C CYS B 88 23.92 -6.10 -2.41
N LYS B 89 23.49 -4.91 -2.84
CA LYS B 89 24.11 -4.22 -3.97
C LYS B 89 24.70 -2.94 -3.50
N GLU B 90 25.64 -2.39 -4.25
CA GLU B 90 26.14 -1.05 -3.92
C GLU B 90 25.90 -0.02 -5.03
N THR B 91 24.89 -0.28 -5.88
CA THR B 91 24.51 0.65 -6.93
C THR B 91 22.98 0.80 -6.96
N PHE B 92 22.51 1.79 -7.70
CA PHE B 92 21.11 1.89 -8.09
C PHE B 92 21.00 2.47 -9.51
N ASN B 93 19.83 2.34 -10.13
CA ASN B 93 19.61 2.81 -11.50
C ASN B 93 18.80 4.07 -11.64
N LEU B 94 19.15 4.83 -12.67
CA LEU B 94 18.44 6.05 -13.02
C LEU B 94 17.65 5.86 -14.30
N TYR B 95 16.39 6.22 -14.26
CA TYR B 95 15.53 6.12 -15.44
C TYR B 95 14.78 7.41 -15.69
N TYR B 96 14.30 7.57 -16.90
CA TYR B 96 13.33 8.60 -17.23
C TYR B 96 12.31 8.11 -18.29
N ALA B 97 11.21 8.84 -18.40
CA ALA B 97 10.23 8.70 -19.46
C ALA B 97 9.68 10.06 -19.82
N GLU B 98 9.51 10.31 -21.12
CA GLU B 98 8.86 11.53 -21.60
C GLU B 98 7.39 11.24 -21.86
N SER B 99 6.55 12.26 -21.71
CA SER B 99 5.18 12.16 -22.20
C SER B 99 4.54 13.52 -22.40
N ASP B 100 3.46 13.53 -23.17
CA ASP B 100 2.77 14.76 -23.49
C ASP B 100 1.66 15.04 -22.51
N LEU B 101 1.49 14.12 -21.57
CA LEU B 101 0.41 14.19 -20.60
C LEU B 101 0.83 13.59 -19.26
N ASP B 102 0.22 14.09 -18.19
CA ASP B 102 0.42 13.57 -16.85
C ASP B 102 -0.22 12.17 -16.68
N TYR B 103 0.57 11.19 -16.23
CA TYR B 103 0.05 9.83 -15.98
C TYR B 103 -0.67 9.68 -14.67
N GLY B 104 -0.55 10.70 -13.82
CA GLY B 104 -1.04 10.59 -12.45
C GLY B 104 -0.28 9.52 -11.69
N THR B 105 -1.02 8.54 -11.14
CA THR B 105 -0.44 7.51 -10.30
C THR B 105 -0.16 6.24 -11.07
N ASN B 106 -0.44 6.31 -12.36
CA ASN B 106 -0.18 5.21 -13.26
C ASN B 106 1.27 5.16 -13.71
N PHE B 107 2.08 4.45 -12.93
CA PHE B 107 3.47 4.22 -13.26
C PHE B 107 3.69 2.86 -13.92
N GLN B 108 4.41 2.85 -15.03
CA GLN B 108 4.83 1.59 -15.66
C GLN B 108 6.30 1.55 -15.97
N LYS B 109 7.04 0.67 -15.29
CA LYS B 109 8.47 0.40 -15.50
C LYS B 109 8.83 0.41 -16.96
N ARG B 110 7.98 -0.25 -17.75
CA ARG B 110 8.37 -0.57 -19.12
C ARG B 110 8.43 0.64 -20.04
N LEU B 111 7.77 1.73 -19.64
CA LEU B 111 7.76 2.99 -20.42
C LEU B 111 8.99 3.84 -20.17
N PHE B 112 9.81 3.41 -19.20
CA PHE B 112 11.00 4.16 -18.81
C PHE B 112 12.26 3.64 -19.46
N THR B 113 13.15 4.56 -19.80
CA THR B 113 14.44 4.27 -20.39
C THR B 113 15.52 4.48 -19.34
N LYS B 114 16.44 3.53 -19.26
CA LYS B 114 17.55 3.63 -18.34
C LYS B 114 18.50 4.70 -18.83
N ILE B 115 18.96 5.53 -17.89
CA ILE B 115 19.99 6.52 -18.19
C ILE B 115 21.38 5.96 -17.90
N ASP B 116 21.57 5.45 -16.68
CA ASP B 116 22.85 4.92 -16.27
C ASP B 116 22.73 4.21 -14.94
N THR B 117 23.69 3.33 -14.66
CA THR B 117 23.94 2.81 -13.32
C THR B 117 24.59 3.91 -12.48
N ILE B 118 24.03 4.16 -11.30
CA ILE B 118 24.62 5.15 -10.38
C ILE B 118 25.42 4.41 -9.31
N ALA B 119 26.69 4.77 -9.18
CA ALA B 119 27.64 4.12 -8.30
C ALA B 119 28.35 5.16 -7.41
N PRO B 120 28.56 4.83 -6.10
CA PRO B 120 29.25 5.76 -5.17
C PRO B 120 30.76 5.74 -5.33
N ASP B 121 31.39 6.91 -5.40
CA ASP B 121 32.84 6.99 -5.34
C ASP B 121 33.26 6.49 -3.98
N GLU B 122 32.44 6.78 -2.98
CA GLU B 122 32.75 6.48 -1.60
C GLU B 122 31.61 5.74 -0.89
N ILE B 123 31.86 4.47 -0.59
CA ILE B 123 30.96 3.67 0.20
C ILE B 123 31.12 4.08 1.65
N THR B 124 30.06 4.02 2.44
CA THR B 124 30.19 4.33 3.87
C THR B 124 30.46 3.01 4.60
N VAL B 125 31.63 2.90 5.23
CA VAL B 125 31.96 1.66 5.99
C VAL B 125 31.43 1.71 7.42
N SER B 126 31.36 0.53 8.03
CA SER B 126 30.87 0.34 9.38
C SER B 126 31.36 1.35 10.43
N SER B 127 32.64 1.66 10.40
CA SER B 127 33.21 2.56 11.38
C SER B 127 32.91 4.06 11.09
N ASP B 128 32.55 4.37 9.84
CA ASP B 128 32.19 5.75 9.46
C ASP B 128 31.01 6.31 10.22
N PHE B 129 30.07 5.45 10.62
CA PHE B 129 28.88 5.92 11.30
C PHE B 129 29.21 6.48 12.67
N GLU B 130 29.97 5.73 13.47
CA GLU B 130 30.36 6.23 14.77
C GLU B 130 31.38 7.36 14.65
N ALA B 131 32.16 7.36 13.59
CA ALA B 131 33.16 8.42 13.38
C ALA B 131 32.47 9.66 12.86
N ARG B 132 31.18 9.55 12.56
CA ARG B 132 30.43 10.67 12.02
C ARG B 132 31.07 11.16 10.73
N HIS B 133 31.48 10.19 9.92
CA HIS B 133 32.23 10.42 8.72
C HIS B 133 31.46 9.78 7.56
N VAL B 134 30.13 9.96 7.53
CA VAL B 134 29.27 9.33 6.51
C VAL B 134 29.59 10.01 5.19
N LYS B 135 29.65 9.24 4.11
CA LYS B 135 30.16 9.75 2.84
C LYS B 135 29.10 10.09 1.82
N LEU B 136 28.99 11.39 1.57
CA LEU B 136 28.04 11.90 0.63
C LEU B 136 28.60 11.87 -0.78
N ASN B 137 27.92 11.22 -1.70
CA ASN B 137 28.35 11.16 -3.09
C ASN B 137 27.53 12.12 -3.94
N VAL B 138 28.19 12.75 -4.90
CA VAL B 138 27.53 13.58 -5.91
C VAL B 138 27.74 12.94 -7.29
N GLU B 139 26.66 12.76 -8.04
CA GLU B 139 26.76 12.21 -9.37
C GLU B 139 25.85 13.00 -10.27
N GLU B 140 26.41 13.46 -11.39
CA GLU B 140 25.60 14.10 -12.41
C GLU B 140 25.46 13.30 -13.71
N ARG B 141 24.25 13.29 -14.27
CA ARG B 141 24.00 12.74 -15.59
C ARG B 141 23.13 13.70 -16.36
N SER B 142 23.08 13.54 -17.67
CA SER B 142 22.23 14.39 -18.50
C SER B 142 21.50 13.57 -19.53
N VAL B 143 20.38 14.10 -20.00
CA VAL B 143 19.52 13.42 -20.94
C VAL B 143 19.00 14.40 -21.96
N GLY B 144 18.82 13.91 -23.18
CA GLY B 144 18.35 14.73 -24.27
C GLY B 144 18.62 14.13 -25.63
N PRO B 145 18.06 14.74 -26.69
CA PRO B 145 17.14 15.87 -26.52
C PRO B 145 15.73 15.44 -26.13
N LEU B 146 15.16 16.15 -25.15
CA LEU B 146 13.76 15.98 -24.79
C LEU B 146 12.91 16.73 -25.78
N THR B 147 11.72 16.20 -26.08
CA THR B 147 10.83 16.83 -27.07
C THR B 147 9.37 16.95 -26.64
N ARG B 148 8.98 16.22 -25.59
CA ARG B 148 7.57 16.18 -25.17
C ARG B 148 7.26 17.28 -24.17
N LYS B 149 5.99 17.40 -23.82
CA LYS B 149 5.52 18.46 -22.92
C LYS B 149 6.13 18.30 -21.53
N GLY B 150 6.28 17.06 -21.10
CA GLY B 150 6.85 16.77 -19.80
C GLY B 150 7.66 15.48 -19.73
N PHE B 151 8.14 15.19 -18.52
CA PHE B 151 8.98 14.02 -18.31
C PHE B 151 8.96 13.64 -16.85
N TYR B 152 9.36 12.40 -16.61
CA TYR B 152 9.53 11.88 -15.29
C TYR B 152 10.93 11.31 -15.17
N LEU B 153 11.40 11.26 -13.93
CA LEU B 153 12.61 10.60 -13.55
C LEU B 153 12.20 9.50 -12.60
N ALA B 154 12.92 8.39 -12.64
CA ALA B 154 12.66 7.31 -11.69
C ALA B 154 13.94 6.63 -11.22
N PHE B 155 13.89 6.12 -9.97
CA PHE B 155 15.02 5.45 -9.33
C PHE B 155 14.65 4.04 -8.94
N GLN B 156 15.36 3.08 -9.56
CA GLN B 156 15.24 1.68 -9.26
C GLN B 156 16.29 1.21 -8.25
N ASP B 157 15.79 0.70 -7.14
CA ASP B 157 16.62 0.05 -6.18
C ASP B 157 16.54 -1.45 -6.50
N ILE B 158 17.73 -2.06 -6.61
CA ILE B 158 17.88 -3.49 -6.86
C ILE B 158 18.31 -4.29 -5.63
N GLY B 159 18.52 -3.62 -4.50
CA GLY B 159 18.87 -4.28 -3.24
C GLY B 159 20.06 -3.66 -2.55
N ALA B 160 20.18 -2.35 -2.64
CA ALA B 160 21.26 -1.61 -2.00
C ALA B 160 20.74 -0.93 -0.71
N CYS B 161 21.64 -0.39 0.11
CA CYS B 161 21.28 0.48 1.23
C CYS B 161 21.65 1.91 0.83
N VAL B 162 20.69 2.61 0.25
CA VAL B 162 20.92 3.93 -0.33
C VAL B 162 20.10 4.97 0.39
N ALA B 163 20.71 6.11 0.65
CA ALA B 163 19.93 7.26 1.05
C ALA B 163 20.10 8.33 0.00
N LEU B 164 19.01 8.67 -0.63
CA LEU B 164 19.01 9.66 -1.68
C LEU B 164 18.62 10.99 -1.01
N LEU B 165 19.63 11.84 -0.82
CA LEU B 165 19.50 13.09 -0.08
C LEU B 165 19.16 14.30 -0.89
N SER B 166 19.33 14.21 -2.20
CA SER B 166 19.13 15.37 -3.04
C SER B 166 18.94 14.93 -4.45
N VAL B 167 18.01 15.60 -5.14
CA VAL B 167 17.78 15.42 -6.57
C VAL B 167 17.48 16.78 -7.19
N ARG B 168 18.38 17.23 -8.06
CA ARG B 168 18.27 18.55 -8.63
C ARG B 168 18.32 18.36 -10.12
N VAL B 169 17.34 18.95 -10.82
CA VAL B 169 17.22 18.82 -12.27
C VAL B 169 17.17 20.20 -12.82
N TYR B 170 18.05 20.46 -13.78
CA TYR B 170 18.11 21.79 -14.37
C TYR B 170 18.53 21.69 -15.81
N TYR B 171 18.43 22.81 -16.52
CA TYR B 171 18.97 22.92 -17.87
C TYR B 171 19.64 24.27 -18.06
N LYS B 172 20.43 24.39 -19.12
CA LYS B 172 21.27 25.57 -19.28
C LYS B 172 20.61 26.53 -20.22
N LYS B 173 20.31 27.72 -19.74
CA LYS B 173 19.73 28.72 -20.59
C LYS B 173 20.62 29.95 -20.67
N CYS B 174 21.00 30.37 -21.87
CA CYS B 174 21.97 31.50 -22.07
C CYS B 174 23.34 31.33 -21.38
N GLU C 1 -27.71 -25.90 34.51
CA GLU C 1 -28.39 -25.61 33.23
C GLU C 1 -27.90 -26.57 32.15
N VAL C 2 -28.83 -27.16 31.41
CA VAL C 2 -28.48 -28.03 30.30
C VAL C 2 -28.93 -27.33 29.04
N VAL C 3 -27.96 -27.09 28.17
CA VAL C 3 -28.15 -26.23 27.01
C VAL C 3 -28.53 -27.13 25.87
N LEU C 4 -29.67 -26.84 25.27
CA LEU C 4 -30.15 -27.57 24.13
C LEU C 4 -29.78 -26.92 22.81
N LEU C 5 -29.79 -25.60 22.80
CA LEU C 5 -29.40 -24.85 21.64
C LEU C 5 -28.73 -23.57 22.10
N ASP C 6 -27.70 -23.16 21.36
CA ASP C 6 -26.94 -21.95 21.67
C ASP C 6 -26.36 -21.29 20.41
N PHE C 7 -27.12 -20.35 19.86
CA PHE C 7 -26.80 -19.71 18.60
C PHE C 7 -25.42 -19.03 18.58
N ALA C 8 -25.13 -18.22 19.59
CA ALA C 8 -23.86 -17.49 19.66
C ALA C 8 -22.61 -18.37 19.79
N ALA C 9 -22.77 -19.64 20.20
CA ALA C 9 -21.64 -20.55 20.41
C ALA C 9 -21.14 -21.10 19.09
N ALA C 10 -20.01 -21.80 19.10
CA ALA C 10 -19.20 -22.05 17.88
C ALA C 10 -19.79 -22.89 16.71
N GLY C 11 -20.98 -22.57 16.23
CA GLY C 11 -21.56 -23.35 15.14
C GLY C 11 -23.05 -23.46 15.34
N GLY C 12 -23.57 -22.59 16.22
CA GLY C 12 -25.01 -22.47 16.44
C GLY C 12 -25.70 -21.71 15.32
N GLU C 13 -24.92 -21.01 14.48
CA GLU C 13 -25.49 -20.21 13.37
C GLU C 13 -25.82 -21.11 12.18
N LEU C 14 -25.42 -22.38 12.24
CA LEU C 14 -25.72 -23.29 11.14
C LEU C 14 -27.07 -23.98 11.34
N GLY C 15 -27.77 -24.24 10.24
CA GLY C 15 -28.90 -25.15 10.28
C GLY C 15 -30.28 -24.52 10.48
N TRP C 16 -30.39 -23.19 10.23
CA TRP C 16 -31.66 -22.48 10.38
C TRP C 16 -32.31 -22.25 9.04
N LEU C 17 -33.63 -22.34 9.05
CA LEU C 17 -34.47 -22.11 7.89
C LEU C 17 -35.16 -20.72 7.96
N THR C 18 -35.21 -20.04 6.81
CA THR C 18 -35.86 -18.75 6.70
C THR C 18 -36.89 -18.84 5.62
N HIS C 19 -38.06 -18.28 5.93
CA HIS C 19 -39.19 -18.32 5.03
C HIS C 19 -39.98 -17.04 5.28
N PRO C 20 -40.23 -16.26 4.23
CA PRO C 20 -39.77 -16.53 2.86
C PRO C 20 -38.27 -16.29 2.77
N TYR C 21 -37.64 -16.84 1.74
CA TYR C 21 -36.21 -16.77 1.64
C TYR C 21 -35.84 -15.71 0.63
N GLY C 22 -34.79 -14.96 0.94
CA GLY C 22 -34.27 -13.98 0.01
C GLY C 22 -34.36 -12.56 0.53
N LYS C 23 -35.51 -12.20 1.06
CA LYS C 23 -35.71 -10.94 1.75
C LYS C 23 -35.82 -11.37 3.20
N GLY C 24 -36.83 -11.04 3.98
CA GLY C 24 -36.79 -11.53 5.37
C GLY C 24 -35.45 -11.61 6.11
N TRP C 25 -35.44 -12.49 7.11
CA TRP C 25 -34.31 -12.76 7.99
C TRP C 25 -33.07 -13.23 7.25
N ASP C 26 -31.93 -12.72 7.70
CA ASP C 26 -30.69 -12.83 6.98
C ASP C 26 -29.58 -13.03 7.98
N LEU C 27 -28.79 -14.10 7.79
CA LEU C 27 -27.64 -14.34 8.67
C LEU C 27 -26.49 -13.42 8.25
N MET C 28 -25.95 -12.67 9.19
CA MET C 28 -24.87 -11.73 8.91
C MET C 28 -23.77 -11.97 9.89
N GLN C 29 -22.53 -11.68 9.44
CA GLN C 29 -21.35 -11.80 10.28
C GLN C 29 -20.72 -10.43 10.56
N ASN C 30 -20.71 -10.04 11.84
CA ASN C 30 -19.82 -8.96 12.23
C ASN C 30 -18.57 -9.58 12.80
N ILE C 31 -17.53 -8.78 12.91
CA ILE C 31 -16.26 -9.25 13.42
C ILE C 31 -15.78 -8.25 14.45
N MET C 32 -15.45 -8.73 15.63
CA MET C 32 -14.94 -7.87 16.67
C MET C 32 -13.74 -8.52 17.32
N ASN C 33 -12.61 -7.82 17.28
CA ASN C 33 -11.32 -8.35 17.72
C ASN C 33 -11.06 -9.75 17.15
N ASP C 34 -11.16 -9.87 15.83
CA ASP C 34 -11.00 -11.11 15.12
C ASP C 34 -12.00 -12.21 15.46
N MET C 35 -12.96 -11.93 16.33
CA MET C 35 -14.01 -12.92 16.64
C MET C 35 -15.27 -12.76 15.76
N PRO C 36 -15.60 -13.77 14.95
CA PRO C 36 -16.89 -13.70 14.24
C PRO C 36 -18.07 -13.63 15.19
N ILE C 37 -18.94 -12.64 14.98
CA ILE C 37 -20.17 -12.57 15.74
C ILE C 37 -21.37 -12.49 14.82
N TYR C 38 -22.14 -13.60 14.82
CA TYR C 38 -23.25 -13.84 13.90
C TYR C 38 -24.53 -13.33 14.48
N MET C 39 -25.47 -13.03 13.60
CA MET C 39 -26.76 -12.54 14.00
C MET C 39 -27.78 -12.87 12.93
N TYR C 40 -29.04 -13.00 13.32
CA TYR C 40 -30.10 -13.02 12.36
C TYR C 40 -30.80 -11.66 12.33
N SER C 41 -30.95 -11.11 11.14
CA SER C 41 -31.30 -9.70 11.05
C SER C 41 -32.31 -9.41 9.93
N VAL C 42 -33.21 -8.49 10.19
CA VAL C 42 -34.21 -8.08 9.22
C VAL C 42 -34.60 -6.65 9.45
N CYS C 43 -34.78 -5.91 8.36
CA CYS C 43 -35.15 -4.50 8.45
C CYS C 43 -36.02 -4.05 7.27
N ASN C 44 -37.13 -4.72 7.04
CA ASN C 44 -38.08 -4.28 6.00
C ASN C 44 -39.12 -3.44 6.68
N VAL C 45 -38.75 -2.20 7.02
CA VAL C 45 -39.65 -1.30 7.74
C VAL C 45 -40.38 -0.37 6.80
N MET C 46 -40.03 -0.41 5.52
CA MET C 46 -40.60 0.52 4.56
C MET C 46 -41.77 -0.06 3.70
N SER C 47 -42.07 -1.35 3.87
CA SER C 47 -43.16 -1.96 3.14
C SER C 47 -43.96 -2.81 4.10
N GLY C 48 -45.27 -2.78 3.96
CA GLY C 48 -46.13 -3.39 4.95
C GLY C 48 -46.29 -4.88 4.70
N ASP C 49 -47.15 -5.51 5.50
CA ASP C 49 -47.47 -6.92 5.27
C ASP C 49 -46.27 -7.84 5.44
N GLN C 50 -45.34 -7.49 6.33
CA GLN C 50 -44.17 -8.33 6.54
C GLN C 50 -44.60 -9.48 7.39
N ASP C 51 -44.22 -10.67 6.92
CA ASP C 51 -44.46 -11.91 7.62
C ASP C 51 -43.26 -12.83 7.42
N ASN C 52 -42.18 -12.50 8.09
CA ASN C 52 -40.92 -13.25 7.88
C ASN C 52 -40.57 -14.17 9.04
N TRP C 53 -40.16 -15.38 8.70
CA TRP C 53 -40.04 -16.45 9.66
C TRP C 53 -38.65 -17.03 9.68
N LEU C 54 -38.17 -17.20 10.90
CA LEU C 54 -36.87 -17.78 11.15
C LEU C 54 -37.08 -19.00 12.05
N ARG C 55 -36.68 -20.16 11.56
CA ARG C 55 -36.90 -21.39 12.34
C ARG C 55 -35.57 -22.05 12.67
N THR C 56 -35.38 -22.41 13.93
CA THR C 56 -34.24 -23.19 14.35
C THR C 56 -34.29 -24.62 13.72
N ASN C 57 -33.15 -25.29 13.79
CA ASN C 57 -33.03 -26.73 13.56
C ASN C 57 -33.93 -27.50 14.49
N TRP C 58 -34.14 -28.77 14.19
CA TRP C 58 -34.81 -29.67 15.15
C TRP C 58 -34.03 -29.83 16.42
N VAL C 59 -34.69 -29.66 17.56
CA VAL C 59 -34.04 -29.76 18.85
C VAL C 59 -34.73 -30.87 19.63
N TYR C 60 -33.93 -31.85 20.08
CA TYR C 60 -34.37 -32.93 20.96
C TYR C 60 -34.79 -32.44 22.34
N ARG C 61 -35.83 -33.05 22.86
CA ARG C 61 -36.35 -32.70 24.16
C ARG C 61 -35.55 -33.37 25.28
N GLY C 62 -35.11 -34.60 25.05
CA GLY C 62 -34.55 -35.44 26.13
C GLY C 62 -35.54 -35.58 27.28
N GLU C 63 -35.11 -35.30 28.49
CA GLU C 63 -35.99 -35.39 29.65
C GLU C 63 -36.53 -34.01 30.10
N ALA C 64 -36.20 -32.94 29.37
CA ALA C 64 -36.77 -31.61 29.59
C ALA C 64 -38.30 -31.59 29.58
N GLU C 65 -38.90 -30.93 30.58
CA GLU C 65 -40.34 -30.63 30.59
C GLU C 65 -40.61 -29.16 30.35
N ARG C 66 -39.81 -28.32 30.97
CA ARG C 66 -39.94 -26.89 30.76
C ARG C 66 -38.61 -26.39 30.25
N ILE C 67 -38.63 -25.70 29.14
CA ILE C 67 -37.40 -25.19 28.62
C ILE C 67 -37.42 -23.68 28.80
N PHE C 68 -36.23 -23.12 28.97
CA PHE C 68 -36.08 -21.69 29.10
C PHE C 68 -35.37 -21.14 27.88
N ILE C 69 -35.88 -20.01 27.38
CA ILE C 69 -35.43 -19.47 26.10
C ILE C 69 -34.92 -18.05 26.30
N GLU C 70 -33.62 -17.85 26.10
CA GLU C 70 -33.02 -16.54 26.33
C GLU C 70 -32.66 -15.92 24.99
N LEU C 71 -33.19 -14.69 24.78
CA LEU C 71 -33.05 -13.92 23.56
C LEU C 71 -32.29 -12.62 23.78
N LYS C 72 -31.27 -12.39 22.96
CA LYS C 72 -30.56 -11.13 22.98
C LYS C 72 -30.72 -10.51 21.60
N PHE C 73 -31.12 -9.23 21.60
CA PHE C 73 -31.50 -8.53 20.38
C PHE C 73 -31.44 -7.02 20.49
N THR C 74 -31.37 -6.34 19.34
CA THR C 74 -31.49 -4.90 19.30
C THR C 74 -32.63 -4.61 18.39
N VAL C 75 -33.29 -3.50 18.67
CA VAL C 75 -34.40 -3.04 17.84
C VAL C 75 -34.12 -1.58 17.52
N ARG C 76 -34.13 -1.25 16.23
CA ARG C 76 -33.90 0.11 15.80
C ARG C 76 -35.20 0.89 15.89
N ASP C 77 -35.08 2.11 16.42
CA ASP C 77 -36.18 3.00 16.62
C ASP C 77 -36.86 3.27 15.30
N CYS C 78 -38.18 3.13 15.28
CA CYS C 78 -38.92 3.40 14.05
C CYS C 78 -38.87 4.85 13.63
N ASN C 79 -38.59 5.76 14.55
CA ASN C 79 -38.50 7.19 14.20
C ASN C 79 -37.15 7.56 13.61
N SER C 80 -36.24 6.59 13.49
CA SER C 80 -34.95 6.85 12.86
C SER C 80 -34.93 6.54 11.38
N PHE C 81 -36.09 6.36 10.78
CA PHE C 81 -36.18 6.18 9.35
C PHE C 81 -36.85 7.42 8.80
N PRO C 82 -36.06 8.39 8.31
CA PRO C 82 -36.49 9.79 8.01
C PRO C 82 -37.81 9.86 7.24
N GLY C 83 -38.60 10.91 7.42
CA GLY C 83 -39.84 11.03 6.67
C GLY C 83 -41.07 10.22 7.03
N GLY C 84 -40.94 9.09 7.75
CA GLY C 84 -42.15 8.32 8.06
C GLY C 84 -42.10 6.85 8.48
N ALA C 85 -42.00 5.94 7.51
CA ALA C 85 -42.10 4.45 7.83
C ALA C 85 -43.27 4.06 8.75
N SER C 86 -44.49 4.16 8.24
CA SER C 86 -45.73 3.96 9.03
C SER C 86 -46.00 2.53 9.37
N SER C 87 -45.38 1.62 8.63
CA SER C 87 -45.53 0.18 8.87
C SER C 87 -44.40 -0.42 9.69
N CYS C 88 -43.53 0.42 10.23
CA CYS C 88 -42.44 -0.08 11.03
C CYS C 88 -42.95 -0.57 12.38
N LYS C 89 -42.37 -1.65 12.90
CA LYS C 89 -42.79 -2.16 14.20
C LYS C 89 -41.65 -2.13 15.15
N GLU C 90 -41.94 -2.19 16.45
CA GLU C 90 -40.84 -2.31 17.39
C GLU C 90 -40.88 -3.60 18.22
N THR C 91 -41.51 -4.63 17.69
CA THR C 91 -41.62 -5.91 18.38
C THR C 91 -41.38 -7.04 17.38
N PHE C 92 -41.11 -8.23 17.89
CA PHE C 92 -41.25 -9.45 17.07
C PHE C 92 -41.90 -10.58 17.90
N ASN C 93 -42.25 -11.70 17.26
CA ASN C 93 -42.99 -12.75 17.94
C ASN C 93 -42.19 -14.04 18.08
N LEU C 94 -42.40 -14.73 19.20
CA LEU C 94 -41.74 -15.99 19.45
C LEU C 94 -42.74 -17.15 19.38
N TYR C 95 -42.41 -18.15 18.56
CA TYR C 95 -43.26 -19.32 18.40
C TYR C 95 -42.48 -20.61 18.62
N TYR C 96 -43.23 -21.70 18.78
CA TYR C 96 -42.65 -23.03 18.85
C TYR C 96 -43.63 -24.07 18.34
N ALA C 97 -43.10 -25.25 18.06
CA ALA C 97 -43.90 -26.40 17.66
C ALA C 97 -43.18 -27.64 18.18
N GLU C 98 -43.97 -28.59 18.64
CA GLU C 98 -43.43 -29.88 19.07
C GLU C 98 -43.68 -30.92 17.99
N SER C 99 -42.79 -31.89 17.87
CA SER C 99 -43.04 -33.05 17.05
C SER C 99 -42.18 -34.28 17.38
N ASP C 100 -42.69 -35.43 17.01
CA ASP C 100 -41.99 -36.67 17.27
C ASP C 100 -41.02 -36.99 16.14
N LEU C 101 -41.01 -36.16 15.10
CA LEU C 101 -40.19 -36.39 13.93
C LEU C 101 -39.70 -35.09 13.30
N ASP C 102 -38.57 -35.18 12.61
CA ASP C 102 -37.94 -34.05 11.96
C ASP C 102 -38.71 -33.68 10.69
N TYR C 103 -39.15 -32.42 10.58
CA TYR C 103 -39.86 -31.96 9.38
C TYR C 103 -38.99 -31.72 8.18
N GLY C 104 -37.68 -31.71 8.38
CA GLY C 104 -36.70 -31.23 7.40
C GLY C 104 -36.99 -29.78 7.09
N THR C 105 -37.14 -29.46 5.81
CA THR C 105 -37.27 -28.06 5.37
C THR C 105 -38.74 -27.70 5.27
N ASN C 106 -39.60 -28.63 5.66
CA ASN C 106 -41.03 -28.37 5.56
C ASN C 106 -41.57 -27.60 6.73
N PHE C 107 -41.43 -26.28 6.68
CA PHE C 107 -41.95 -25.40 7.73
C PHE C 107 -43.34 -24.85 7.43
N GLN C 108 -44.23 -24.88 8.43
CA GLN C 108 -45.61 -24.35 8.26
C GLN C 108 -46.06 -23.55 9.46
N LYS C 109 -46.26 -22.25 9.24
CA LYS C 109 -46.67 -21.28 10.26
C LYS C 109 -47.77 -21.79 11.16
N ARG C 110 -48.77 -22.39 10.53
CA ARG C 110 -49.96 -22.81 11.22
C ARG C 110 -49.77 -23.87 12.24
N LEU C 111 -48.70 -24.66 12.14
CA LEU C 111 -48.38 -25.72 13.11
C LEU C 111 -47.75 -25.18 14.38
N PHE C 112 -47.36 -23.91 14.35
CA PHE C 112 -46.67 -23.29 15.47
C PHE C 112 -47.60 -22.54 16.40
N THR C 113 -47.25 -22.56 17.68
CA THR C 113 -47.99 -21.89 18.73
C THR C 113 -47.21 -20.67 19.15
N LYS C 114 -47.90 -19.54 19.30
CA LYS C 114 -47.25 -18.36 19.80
C LYS C 114 -46.93 -18.53 21.27
N ILE C 115 -45.70 -18.15 21.64
CA ILE C 115 -45.32 -18.02 23.04
C ILE C 115 -45.65 -16.65 23.57
N ASP C 116 -45.12 -15.60 22.94
CA ASP C 116 -45.24 -14.22 23.44
C ASP C 116 -44.75 -13.21 22.43
N THR C 117 -45.26 -11.98 22.53
CA THR C 117 -44.68 -10.81 21.85
C THR C 117 -43.37 -10.41 22.53
N ILE C 118 -42.29 -10.35 21.75
CA ILE C 118 -41.01 -9.95 22.31
C ILE C 118 -40.78 -8.45 22.07
N ALA C 119 -40.52 -7.72 23.15
CA ALA C 119 -40.44 -6.25 23.09
C ALA C 119 -39.16 -5.74 23.76
N PRO C 120 -38.48 -4.76 23.16
CA PRO C 120 -37.26 -4.22 23.76
C PRO C 120 -37.53 -3.31 24.95
N ASP C 121 -36.83 -3.52 26.06
CA ASP C 121 -36.76 -2.52 27.11
C ASP C 121 -36.19 -1.23 26.53
N GLU C 122 -35.17 -1.37 25.69
CA GLU C 122 -34.40 -0.24 25.17
C GLU C 122 -34.28 -0.23 23.66
N ILE C 123 -34.97 0.72 23.05
CA ILE C 123 -34.90 0.93 21.62
C ILE C 123 -33.58 1.63 21.34
N THR C 124 -32.96 1.35 20.21
CA THR C 124 -31.74 2.05 19.82
C THR C 124 -32.13 3.26 18.99
N VAL C 125 -31.89 4.45 19.51
CA VAL C 125 -32.24 5.70 18.77
C VAL C 125 -31.18 6.07 17.76
N SER C 126 -31.57 6.92 16.81
CA SER C 126 -30.67 7.45 15.78
C SER C 126 -29.25 7.89 16.25
N SER C 127 -29.17 8.61 17.36
CA SER C 127 -27.87 9.08 17.84
C SER C 127 -27.03 8.03 18.57
N ASP C 128 -27.68 6.92 18.99
CA ASP C 128 -27.00 5.81 19.63
C ASP C 128 -25.96 5.16 18.76
N PHE C 129 -26.22 5.06 17.46
CA PHE C 129 -25.24 4.45 16.53
C PHE C 129 -23.91 5.18 16.48
N GLU C 130 -23.96 6.49 16.33
CA GLU C 130 -22.70 7.25 16.31
C GLU C 130 -22.08 7.35 17.70
N ALA C 131 -22.92 7.32 18.73
CA ALA C 131 -22.43 7.26 20.10
C ALA C 131 -21.89 5.86 20.50
N ARG C 132 -22.03 4.89 19.61
CA ARG C 132 -21.56 3.55 19.91
C ARG C 132 -22.25 3.01 21.17
N HIS C 133 -23.52 3.36 21.28
CA HIS C 133 -24.31 3.07 22.45
C HIS C 133 -25.49 2.20 22.03
N VAL C 134 -25.25 1.24 21.15
CA VAL C 134 -26.32 0.36 20.66
C VAL C 134 -26.90 -0.50 21.78
N LYS C 135 -28.20 -0.58 21.89
CA LYS C 135 -28.79 -1.17 23.09
C LYS C 135 -29.21 -2.63 22.93
N LEU C 136 -28.52 -3.47 23.69
CA LEU C 136 -28.71 -4.89 23.68
C LEU C 136 -29.76 -5.28 24.73
N ASN C 137 -30.84 -5.87 24.25
CA ASN C 137 -31.92 -6.33 25.10
C ASN C 137 -31.80 -7.83 25.42
N VAL C 138 -32.17 -8.20 26.64
CA VAL C 138 -32.22 -9.61 27.04
C VAL C 138 -33.66 -9.90 27.44
N GLU C 139 -34.21 -10.99 26.88
CA GLU C 139 -35.58 -11.39 27.20
C GLU C 139 -35.65 -12.89 27.35
N GLU C 140 -36.16 -13.36 28.47
CA GLU C 140 -36.36 -14.79 28.66
C GLU C 140 -37.82 -15.21 28.72
N ARG C 141 -38.12 -16.32 28.07
CA ARG C 141 -39.44 -16.93 28.16
C ARG C 141 -39.27 -18.42 28.43
N SER C 142 -40.36 -19.07 28.80
CA SER C 142 -40.33 -20.48 29.05
C SER C 142 -41.57 -21.13 28.52
N VAL C 143 -41.44 -22.42 28.19
CA VAL C 143 -42.53 -23.16 27.60
C VAL C 143 -42.57 -24.56 28.21
N GLY C 144 -43.77 -25.11 28.34
CA GLY C 144 -43.91 -26.42 28.91
C GLY C 144 -45.31 -26.70 29.39
N PRO C 145 -45.59 -27.97 29.74
CA PRO C 145 -44.62 -29.06 29.60
C PRO C 145 -44.51 -29.60 28.17
N LEU C 146 -43.27 -29.77 27.70
CA LEU C 146 -42.98 -30.45 26.43
C LEU C 146 -43.12 -31.96 26.64
N THR C 147 -43.59 -32.68 25.63
CA THR C 147 -43.82 -34.13 25.75
C THR C 147 -43.30 -34.94 24.56
N ARG C 148 -43.00 -34.26 23.46
CA ARG C 148 -42.59 -34.94 22.22
C ARG C 148 -41.10 -35.20 22.19
N LYS C 149 -40.67 -35.90 21.15
CA LYS C 149 -39.29 -36.27 21.02
C LYS C 149 -38.48 -35.01 20.78
N GLY C 150 -39.07 -34.06 20.05
CA GLY C 150 -38.38 -32.85 19.67
C GLY C 150 -39.25 -31.63 19.61
N PHE C 151 -38.62 -30.51 19.28
CA PHE C 151 -39.31 -29.26 19.14
C PHE C 151 -38.52 -28.26 18.27
N TYR C 152 -39.22 -27.24 17.83
CA TYR C 152 -38.65 -26.14 17.04
C TYR C 152 -39.05 -24.86 17.72
N LEU C 153 -38.18 -23.87 17.56
CA LEU C 153 -38.49 -22.50 17.87
C LEU C 153 -38.60 -21.72 16.57
N ALA C 154 -39.48 -20.73 16.52
CA ALA C 154 -39.51 -19.85 15.34
C ALA C 154 -39.69 -18.37 15.71
N PHE C 155 -39.22 -17.50 14.82
CA PHE C 155 -39.30 -16.06 15.01
C PHE C 155 -39.97 -15.42 13.86
N GLN C 156 -41.06 -14.72 14.17
CA GLN C 156 -41.83 -13.97 13.18
C GLN C 156 -41.48 -12.49 13.27
N ASP C 157 -41.02 -11.95 12.16
CA ASP C 157 -40.85 -10.52 11.99
C ASP C 157 -42.08 -10.00 11.28
N ILE C 158 -42.72 -9.01 11.89
CA ILE C 158 -43.90 -8.39 11.33
C ILE C 158 -43.61 -7.01 10.72
N GLY C 159 -42.34 -6.61 10.72
CA GLY C 159 -41.95 -5.33 10.11
C GLY C 159 -41.07 -4.43 10.97
N ALA C 160 -40.26 -5.05 11.82
CA ALA C 160 -39.33 -4.30 12.68
C ALA C 160 -37.92 -4.28 12.10
N CYS C 161 -37.05 -3.49 12.69
CA CYS C 161 -35.65 -3.58 12.37
C CYS C 161 -34.99 -4.22 13.57
N VAL C 162 -34.85 -5.55 13.51
CA VAL C 162 -34.35 -6.37 14.63
C VAL C 162 -33.05 -7.06 14.26
N ALA C 163 -32.13 -7.06 15.22
CA ALA C 163 -30.96 -7.92 15.12
C ALA C 163 -31.02 -8.94 16.25
N LEU C 164 -31.17 -10.18 15.89
CA LEU C 164 -31.20 -11.22 16.89
C LEU C 164 -29.79 -11.78 17.05
N LEU C 165 -29.16 -11.42 18.17
CA LEU C 165 -27.75 -11.72 18.36
C LEU C 165 -27.49 -13.03 19.09
N SER C 166 -28.47 -13.53 19.80
CA SER C 166 -28.24 -14.65 20.67
C SER C 166 -29.53 -15.37 20.95
N VAL C 167 -29.47 -16.70 20.89
CA VAL C 167 -30.62 -17.56 21.20
C VAL C 167 -30.16 -18.79 21.97
N ARG C 168 -30.51 -18.81 23.24
CA ARG C 168 -30.01 -19.84 24.13
C ARG C 168 -31.21 -20.50 24.76
N VAL C 169 -31.26 -21.82 24.59
CA VAL C 169 -32.37 -22.68 25.06
C VAL C 169 -31.80 -23.70 26.01
N TYR C 170 -32.39 -23.79 27.20
CA TYR C 170 -31.86 -24.66 28.22
C TYR C 170 -32.99 -25.11 29.12
N TYR C 171 -32.74 -26.18 29.89
CA TYR C 171 -33.68 -26.55 30.93
C TYR C 171 -32.93 -26.82 32.24
N LYS C 172 -33.67 -26.80 33.35
CA LYS C 172 -33.04 -26.97 34.63
C LYS C 172 -33.04 -28.44 35.02
N LYS C 173 -31.86 -28.97 35.31
CA LYS C 173 -31.75 -30.36 35.76
C LYS C 173 -31.01 -30.39 37.09
N CYS C 174 -31.61 -31.01 38.10
CA CYS C 174 -31.07 -31.00 39.50
C CYS C 174 -30.75 -29.60 40.08
N GLU D 1 -19.80 22.82 23.17
CA GLU D 1 -18.72 21.97 22.56
C GLU D 1 -18.65 22.24 21.07
N VAL D 2 -17.44 22.51 20.59
CA VAL D 2 -17.19 22.70 19.16
C VAL D 2 -16.41 21.50 18.66
N VAL D 3 -16.96 20.84 17.67
CA VAL D 3 -16.44 19.54 17.28
C VAL D 3 -15.55 19.73 16.09
N LEU D 4 -14.28 19.41 16.28
CA LEU D 4 -13.31 19.51 15.20
C LEU D 4 -13.18 18.25 14.35
N LEU D 5 -13.36 17.10 14.99
CA LEU D 5 -13.30 15.81 14.31
C LEU D 5 -14.19 14.83 15.01
N ASP D 6 -14.89 14.02 14.22
CA ASP D 6 -15.86 13.07 14.76
C ASP D 6 -15.95 11.81 13.89
N PHE D 7 -15.19 10.81 14.26
CA PHE D 7 -15.00 9.59 13.42
C PHE D 7 -16.31 8.83 13.14
N ALA D 8 -17.08 8.60 14.19
CA ALA D 8 -18.32 7.87 14.12
C ALA D 8 -19.42 8.56 13.35
N ALA D 9 -19.28 9.88 13.10
CA ALA D 9 -20.27 10.67 12.36
C ALA D 9 -20.06 10.53 10.87
N ALA D 10 -21.06 10.96 10.10
CA ALA D 10 -21.32 10.47 8.74
C ALA D 10 -20.26 10.73 7.64
N GLY D 11 -19.02 10.40 7.88
CA GLY D 11 -18.01 10.58 6.87
C GLY D 11 -16.72 10.84 7.59
N GLY D 12 -16.74 10.61 8.90
CA GLY D 12 -15.56 10.75 9.72
C GLY D 12 -14.54 9.63 9.53
N GLU D 13 -14.95 8.53 8.88
CA GLU D 13 -14.07 7.39 8.59
C GLU D 13 -13.14 7.65 7.40
N LEU D 14 -13.41 8.71 6.64
CA LEU D 14 -12.62 9.03 5.44
C LEU D 14 -11.40 9.87 5.80
N GLY D 15 -10.31 9.63 5.05
CA GLY D 15 -9.15 10.52 5.01
C GLY D 15 -8.04 10.26 6.05
N TRP D 16 -7.99 9.01 6.57
CA TRP D 16 -6.96 8.61 7.57
C TRP D 16 -5.87 7.82 6.88
N LEU D 17 -4.67 7.94 7.42
CA LEU D 17 -3.50 7.32 6.90
C LEU D 17 -3.05 6.26 7.89
N THR D 18 -2.60 5.14 7.33
CA THR D 18 -2.07 4.07 8.14
C THR D 18 -0.64 3.85 7.72
N HIS D 19 0.21 3.55 8.71
CA HIS D 19 1.60 3.28 8.46
C HIS D 19 2.13 2.33 9.52
N PRO D 20 2.77 1.22 9.09
CA PRO D 20 2.91 0.73 7.72
C PRO D 20 1.57 0.23 7.14
N TYR D 21 1.45 0.30 5.82
CA TYR D 21 0.20 -0.04 5.15
C TYR D 21 0.13 -1.52 4.77
N GLY D 22 -1.04 -2.13 5.00
CA GLY D 22 -1.29 -3.47 4.52
C GLY D 22 -1.53 -4.41 5.69
N LYS D 23 -0.70 -4.28 6.72
CA LYS D 23 -0.95 -5.01 7.99
C LYS D 23 -1.46 -3.97 8.98
N GLY D 24 -0.89 -3.79 10.16
CA GLY D 24 -1.48 -2.81 11.09
C GLY D 24 -2.97 -2.47 11.00
N TRP D 25 -3.28 -1.20 11.27
CA TRP D 25 -4.65 -0.69 11.43
C TRP D 25 -5.44 -0.82 10.14
N ASP D 26 -6.73 -1.13 10.31
CA ASP D 26 -7.58 -1.55 9.22
C ASP D 26 -8.99 -1.00 9.44
N LEU D 27 -9.51 -0.30 8.44
CA LEU D 27 -10.85 0.26 8.54
C LEU D 27 -11.88 -0.83 8.20
N MET D 28 -12.79 -1.09 9.12
CA MET D 28 -13.73 -2.16 8.96
C MET D 28 -15.11 -1.58 9.16
N GLN D 29 -16.08 -2.08 8.40
CA GLN D 29 -17.47 -1.69 8.58
C GLN D 29 -18.29 -2.79 9.25
N ASN D 30 -18.79 -2.59 10.47
CA ASN D 30 -19.87 -3.45 10.93
C ASN D 30 -21.22 -2.80 10.58
N ILE D 31 -22.27 -3.59 10.61
CA ILE D 31 -23.60 -3.11 10.24
C ILE D 31 -24.53 -3.60 11.31
N MET D 32 -25.30 -2.67 11.85
CA MET D 32 -26.25 -2.99 12.87
C MET D 32 -27.49 -2.23 12.54
N ASN D 33 -28.59 -2.97 12.40
CA ASN D 33 -29.91 -2.42 12.01
C ASN D 33 -29.77 -1.48 10.82
N ASP D 34 -29.11 -2.00 9.78
CA ASP D 34 -28.85 -1.26 8.54
C ASP D 34 -27.95 -0.04 8.68
N MET D 35 -27.42 0.21 9.86
CA MET D 35 -26.53 1.34 10.06
C MET D 35 -25.09 0.91 9.95
N PRO D 36 -24.35 1.50 8.99
CA PRO D 36 -22.91 1.20 8.97
C PRO D 36 -22.23 1.74 10.23
N ILE D 37 -21.46 0.88 10.86
CA ILE D 37 -20.63 1.26 11.97
C ILE D 37 -19.18 0.90 11.78
N TYR D 38 -18.38 1.95 11.60
CA TYR D 38 -16.98 1.86 11.20
C TYR D 38 -16.07 1.81 12.40
N MET D 39 -14.92 1.17 12.22
CA MET D 39 -13.90 1.11 13.25
C MET D 39 -12.50 0.97 12.65
N TYR D 40 -11.51 1.45 13.37
CA TYR D 40 -10.15 1.13 13.06
C TYR D 40 -9.68 0.03 14.00
N SER D 41 -9.15 -1.03 13.41
CA SER D 41 -8.93 -2.24 14.16
C SER D 41 -7.63 -2.92 13.81
N VAL D 42 -7.00 -3.53 14.82
CA VAL D 42 -5.76 -4.23 14.62
C VAL D 42 -5.64 -5.31 15.68
N CYS D 43 -5.03 -6.43 15.30
CA CYS D 43 -4.91 -7.57 16.18
C CYS D 43 -3.71 -8.44 15.81
N ASN D 44 -2.52 -7.85 15.80
CA ASN D 44 -1.30 -8.59 15.49
C ASN D 44 -0.67 -8.95 16.81
N VAL D 45 -1.31 -9.87 17.52
CA VAL D 45 -0.91 -10.23 18.88
C VAL D 45 0.09 -11.37 18.93
N MET D 46 0.28 -12.03 17.80
CA MET D 46 1.12 -13.23 17.73
C MET D 46 2.52 -12.98 17.19
N SER D 47 2.81 -11.77 16.75
CA SER D 47 4.17 -11.45 16.32
C SER D 47 4.66 -10.20 17.04
N GLY D 48 5.92 -10.21 17.43
CA GLY D 48 6.42 -9.10 18.24
C GLY D 48 6.72 -7.88 17.39
N ASP D 49 7.28 -6.85 18.03
CA ASP D 49 7.79 -5.67 17.31
C ASP D 49 6.72 -4.93 16.52
N GLN D 50 5.50 -4.90 17.03
CA GLN D 50 4.45 -4.17 16.36
C GLN D 50 4.64 -2.70 16.62
N ASP D 51 4.54 -1.93 15.55
CA ASP D 51 4.66 -0.46 15.61
C ASP D 51 3.74 0.08 14.53
N ASN D 52 2.44 0.01 14.77
CA ASN D 52 1.48 0.39 13.74
C ASN D 52 0.79 1.73 14.03
N TRP D 53 0.68 2.55 13.00
CA TRP D 53 0.31 3.93 13.20
C TRP D 53 -0.90 4.28 12.40
N LEU D 54 -1.80 4.96 13.07
CA LEU D 54 -3.03 5.46 12.47
C LEU D 54 -3.05 6.95 12.69
N ARG D 55 -3.12 7.69 11.58
CA ARG D 55 -3.12 9.15 11.65
C ARG D 55 -4.38 9.73 11.05
N THR D 56 -5.06 10.56 11.82
CA THR D 56 -6.15 11.39 11.34
C THR D 56 -5.73 12.33 10.20
N ASN D 57 -6.73 12.87 9.52
CA ASN D 57 -6.58 13.97 8.56
C ASN D 57 -6.07 15.20 9.26
N TRP D 58 -5.62 16.18 8.49
CA TRP D 58 -5.25 17.47 9.06
C TRP D 58 -6.46 18.09 9.72
N VAL D 59 -6.31 18.61 10.92
CA VAL D 59 -7.41 19.27 11.62
C VAL D 59 -7.01 20.70 11.92
N TYR D 60 -7.82 21.67 11.50
CA TYR D 60 -7.60 23.09 11.78
C TYR D 60 -7.81 23.40 13.23
N ARG D 61 -6.93 24.25 13.77
CA ARG D 61 -7.05 24.66 15.16
C ARG D 61 -8.19 25.69 15.39
N GLY D 62 -8.34 26.62 14.45
CA GLY D 62 -9.20 27.81 14.69
C GLY D 62 -8.74 28.62 15.90
N GLU D 63 -9.67 28.93 16.79
CA GLU D 63 -9.31 29.66 18.01
C GLU D 63 -9.11 28.74 19.25
N ALA D 64 -9.18 27.42 19.05
CA ALA D 64 -8.96 26.42 20.11
C ALA D 64 -7.59 26.58 20.75
N GLU D 65 -7.53 26.50 22.06
CA GLU D 65 -6.25 26.43 22.77
C GLU D 65 -6.04 25.05 23.38
N ARG D 66 -7.08 24.52 24.01
CA ARG D 66 -7.05 23.20 24.57
C ARG D 66 -8.14 22.39 23.89
N ILE D 67 -7.75 21.28 23.30
CA ILE D 67 -8.70 20.42 22.70
C ILE D 67 -8.91 19.20 23.60
N PHE D 68 -10.11 18.61 23.50
CA PHE D 68 -10.47 17.44 24.27
C PHE D 68 -10.69 16.28 23.31
N ILE D 69 -10.16 15.11 23.67
CA ILE D 69 -10.10 13.96 22.78
C ILE D 69 -10.81 12.79 23.45
N GLU D 70 -11.95 12.39 22.89
CA GLU D 70 -12.73 11.29 23.44
C GLU D 70 -12.59 10.07 22.55
N LEU D 71 -12.15 8.96 23.17
CA LEU D 71 -11.89 7.67 22.50
C LEU D 71 -12.82 6.57 23.02
N LYS D 72 -13.44 5.85 22.09
CA LYS D 72 -14.20 4.67 22.46
C LYS D 72 -13.58 3.52 21.75
N PHE D 73 -13.32 2.45 22.50
CA PHE D 73 -12.56 1.31 21.98
C PHE D 73 -12.81 0.07 22.79
N THR D 74 -12.47 -1.07 22.20
CA THR D 74 -12.48 -2.32 22.92
C THR D 74 -11.11 -2.91 22.83
N VAL D 75 -10.75 -3.67 23.86
CA VAL D 75 -9.50 -4.41 23.87
C VAL D 75 -9.79 -5.88 24.21
N ARG D 76 -9.32 -6.77 23.35
CA ARG D 76 -9.45 -8.17 23.60
C ARG D 76 -8.40 -8.63 24.59
N ASP D 77 -8.86 -9.44 25.55
CA ASP D 77 -8.01 -10.04 26.55
C ASP D 77 -6.88 -10.85 25.92
N CYS D 78 -5.66 -10.61 26.37
CA CYS D 78 -4.51 -11.31 25.84
C CYS D 78 -4.51 -12.79 26.18
N ASN D 79 -5.22 -13.17 27.23
CA ASN D 79 -5.37 -14.56 27.60
C ASN D 79 -6.40 -15.32 26.77
N SER D 80 -7.04 -14.65 25.79
CA SER D 80 -8.03 -15.31 24.92
C SER D 80 -7.45 -15.79 23.61
N PHE D 81 -6.13 -15.77 23.52
CA PHE D 81 -5.43 -16.31 22.36
C PHE D 81 -4.74 -17.58 22.84
N PRO D 82 -5.39 -18.76 22.66
CA PRO D 82 -5.06 -20.06 23.30
C PRO D 82 -3.55 -20.27 23.31
N GLY D 83 -3.02 -21.14 24.17
CA GLY D 83 -1.57 -21.40 24.14
C GLY D 83 -0.51 -20.38 24.57
N GLY D 84 -0.78 -19.07 24.52
CA GLY D 84 0.30 -18.08 24.81
C GLY D 84 0.24 -16.62 24.39
N ALA D 85 0.65 -16.31 23.15
CA ALA D 85 0.74 -14.89 22.72
C ALA D 85 1.49 -13.99 23.73
N SER D 86 2.79 -14.22 23.89
CA SER D 86 3.58 -13.48 24.88
C SER D 86 3.80 -12.00 24.54
N SER D 87 3.60 -11.61 23.29
CA SER D 87 3.88 -10.23 22.84
C SER D 87 2.60 -9.42 22.73
N CYS D 88 1.50 -10.01 23.18
CA CYS D 88 0.22 -9.36 23.16
C CYS D 88 0.22 -8.25 24.20
N LYS D 89 -0.42 -7.14 23.87
CA LYS D 89 -0.47 -5.99 24.76
C LYS D 89 -1.91 -5.69 25.04
N GLU D 90 -2.18 -5.00 26.15
CA GLU D 90 -3.54 -4.55 26.38
C GLU D 90 -3.70 -3.02 26.42
N THR D 91 -2.71 -2.30 25.86
CA THR D 91 -2.77 -0.84 25.76
C THR D 91 -2.45 -0.40 24.34
N PHE D 92 -2.76 0.87 24.04
CA PHE D 92 -2.24 1.56 22.85
C PHE D 92 -1.88 3.02 23.19
N ASN D 93 -1.12 3.68 22.30
CA ASN D 93 -0.62 5.06 22.57
C ASN D 93 -1.28 6.15 21.76
N LEU D 94 -1.50 7.29 22.39
CA LEU D 94 -2.09 8.45 21.74
C LEU D 94 -1.02 9.52 21.51
N TYR D 95 -0.92 10.01 20.27
CA TYR D 95 0.07 11.03 19.90
C TYR D 95 -0.59 12.21 19.17
N TYR D 96 0.17 13.30 19.06
CA TYR D 96 -0.24 14.42 18.23
C TYR D 96 0.97 15.15 17.72
N ALA D 97 0.73 15.94 16.68
CA ALA D 97 1.73 16.85 16.12
C ALA D 97 0.99 18.07 15.64
N GLU D 98 1.53 19.24 15.97
CA GLU D 98 1.05 20.51 15.42
C GLU D 98 1.83 20.88 14.17
N SER D 99 1.19 21.60 13.24
CA SER D 99 1.91 22.27 12.16
C SER D 99 1.11 23.38 11.51
N ASP D 100 1.81 24.22 10.77
CA ASP D 100 1.19 25.37 10.14
C ASP D 100 0.76 25.01 8.72
N LEU D 101 1.10 23.79 8.31
CA LEU D 101 0.81 23.33 6.95
C LEU D 101 0.42 21.85 6.93
N ASP D 102 -0.37 21.48 5.93
CA ASP D 102 -0.75 20.10 5.69
C ASP D 102 0.41 19.28 5.13
N TYR D 103 0.79 18.21 5.85
CA TYR D 103 1.85 17.31 5.39
C TYR D 103 1.44 16.38 4.25
N GLY D 104 0.14 16.29 3.99
CA GLY D 104 -0.38 15.30 3.04
C GLY D 104 -0.16 13.89 3.57
N THR D 105 0.48 13.06 2.75
CA THR D 105 0.72 11.67 3.10
C THR D 105 2.07 11.47 3.76
N ASN D 106 2.81 12.56 3.91
CA ASN D 106 4.10 12.48 4.57
C ASN D 106 3.95 12.46 6.09
N PHE D 107 3.83 11.26 6.64
CA PHE D 107 3.80 11.05 8.09
C PHE D 107 5.19 10.69 8.61
N GLN D 108 5.59 11.32 9.70
CA GLN D 108 6.81 10.94 10.44
C GLN D 108 6.58 10.78 11.93
N LYS D 109 6.71 9.54 12.44
CA LYS D 109 6.62 9.21 13.85
C LYS D 109 7.30 10.28 14.72
N ARG D 110 8.50 10.67 14.28
CA ARG D 110 9.37 11.43 15.17
C ARG D 110 8.92 12.86 15.43
N LEU D 111 7.97 13.35 14.62
CA LEU D 111 7.45 14.70 14.76
C LEU D 111 6.30 14.74 15.74
N PHE D 112 5.91 13.57 16.22
CA PHE D 112 4.74 13.45 17.08
C PHE D 112 5.13 13.31 18.54
N THR D 113 4.33 13.94 19.38
CA THR D 113 4.52 13.90 20.82
C THR D 113 3.48 12.99 21.44
N LYS D 114 3.93 12.17 22.37
CA LYS D 114 3.05 11.28 23.11
C LYS D 114 2.19 12.08 24.09
N ILE D 115 0.89 11.79 24.08
CA ILE D 115 -0.05 12.35 25.04
C ILE D 115 -0.18 11.43 26.25
N ASP D 116 -0.49 10.16 26.01
CA ASP D 116 -0.71 9.19 27.09
C ASP D 116 -0.81 7.75 26.60
N THR D 117 -0.47 6.82 27.49
CA THR D 117 -0.88 5.44 27.30
C THR D 117 -2.41 5.34 27.49
N ILE D 118 -3.09 4.77 26.51
CA ILE D 118 -4.53 4.51 26.62
C ILE D 118 -4.78 3.07 27.06
N ALA D 119 -5.50 2.90 28.15
CA ALA D 119 -5.71 1.61 28.82
C ALA D 119 -7.20 1.38 29.11
N PRO D 120 -7.70 0.16 28.81
CA PRO D 120 -9.11 -0.14 29.04
C PRO D 120 -9.45 -0.37 30.53
N ASP D 121 -10.53 0.23 31.01
CA ASP D 121 -11.05 -0.12 32.33
C ASP D 121 -11.54 -1.55 32.29
N GLU D 122 -12.03 -1.96 31.12
CA GLU D 122 -12.70 -3.25 30.92
C GLU D 122 -12.17 -3.99 29.69
N ILE D 123 -11.44 -5.07 29.94
CA ILE D 123 -10.94 -5.94 28.88
C ILE D 123 -12.10 -6.84 28.46
N THR D 124 -12.12 -7.28 27.21
CA THR D 124 -13.18 -8.19 26.81
C THR D 124 -12.65 -9.63 26.90
N VAL D 125 -13.19 -10.43 27.82
CA VAL D 125 -12.71 -11.81 27.95
C VAL D 125 -13.35 -12.74 26.92
N SER D 126 -12.72 -13.89 26.76
CA SER D 126 -13.17 -14.93 25.85
C SER D 126 -14.67 -15.23 25.86
N SER D 127 -15.27 -15.31 27.05
CA SER D 127 -16.68 -15.62 27.12
C SER D 127 -17.61 -14.46 26.78
N ASP D 128 -17.12 -13.24 26.92
CA ASP D 128 -17.88 -12.04 26.56
C ASP D 128 -18.42 -12.04 25.12
N PHE D 129 -17.64 -12.60 24.20
CA PHE D 129 -18.06 -12.60 22.80
C PHE D 129 -19.32 -13.39 22.54
N GLU D 130 -19.40 -14.57 23.12
CA GLU D 130 -20.60 -15.38 23.00
C GLU D 130 -21.71 -14.87 23.89
N ALA D 131 -21.35 -14.21 24.99
CA ALA D 131 -22.35 -13.58 25.84
C ALA D 131 -22.89 -12.24 25.26
N ARG D 132 -22.31 -11.80 24.14
CA ARG D 132 -22.67 -10.55 23.52
C ARG D 132 -22.48 -9.41 24.54
N HIS D 133 -21.39 -9.48 25.28
CA HIS D 133 -21.20 -8.63 26.41
C HIS D 133 -19.86 -7.98 26.12
N VAL D 134 -19.67 -7.51 24.89
CA VAL D 134 -18.40 -6.90 24.53
C VAL D 134 -18.23 -5.57 25.26
N LYS D 135 -17.05 -5.29 25.78
CA LYS D 135 -16.88 -4.13 26.64
C LYS D 135 -16.32 -2.90 25.95
N LEU D 136 -17.17 -1.89 25.84
CA LEU D 136 -16.79 -0.62 25.26
C LEU D 136 -16.24 0.31 26.32
N ASN D 137 -15.00 0.75 26.11
CA ASN D 137 -14.31 1.69 27.00
C ASN D 137 -14.39 3.12 26.48
N VAL D 138 -14.48 4.08 27.38
CA VAL D 138 -14.41 5.51 27.05
C VAL D 138 -13.23 6.15 27.80
N GLU D 139 -12.36 6.80 27.06
CA GLU D 139 -11.24 7.48 27.66
C GLU D 139 -11.12 8.87 27.08
N GLU D 140 -10.94 9.86 27.95
CA GLU D 140 -10.75 11.22 27.46
C GLU D 140 -9.41 11.78 27.86
N ARG D 141 -8.74 12.45 26.92
CA ARG D 141 -7.53 13.21 27.22
C ARG D 141 -7.66 14.65 26.69
N SER D 142 -6.78 15.52 27.14
CA SER D 142 -6.72 16.85 26.55
C SER D 142 -5.30 17.29 26.29
N VAL D 143 -5.15 18.19 25.31
CA VAL D 143 -3.84 18.69 24.93
C VAL D 143 -3.93 20.18 24.70
N GLY D 144 -2.83 20.87 24.98
CA GLY D 144 -2.80 22.32 24.86
C GLY D 144 -1.68 22.93 25.69
N PRO D 145 -1.41 24.24 25.46
CA PRO D 145 -2.12 25.02 24.44
C PRO D 145 -1.57 24.75 23.05
N LEU D 146 -2.47 24.58 22.09
CA LEU D 146 -2.14 24.52 20.67
C LEU D 146 -1.97 25.94 20.16
N THR D 147 -1.07 26.14 19.21
CA THR D 147 -0.78 27.47 18.69
C THR D 147 -0.70 27.55 17.16
N ARG D 148 -0.53 26.40 16.51
CA ARG D 148 -0.34 26.38 15.07
C ARG D 148 -1.67 26.36 14.33
N LYS D 149 -1.58 26.37 13.01
CA LYS D 149 -2.74 26.51 12.16
C LYS D 149 -3.55 25.23 12.24
N GLY D 150 -2.84 24.11 12.34
CA GLY D 150 -3.51 22.82 12.45
C GLY D 150 -2.76 21.80 13.26
N PHE D 151 -3.33 20.61 13.31
CA PHE D 151 -2.78 19.53 14.10
C PHE D 151 -3.30 18.17 13.60
N TYR D 152 -2.59 17.13 14.02
CA TYR D 152 -2.87 15.74 13.72
C TYR D 152 -2.89 14.98 15.02
N LEU D 153 -3.71 13.94 15.05
CA LEU D 153 -3.71 12.96 16.09
C LEU D 153 -3.25 11.66 15.47
N ALA D 154 -2.53 10.87 16.24
CA ALA D 154 -2.08 9.58 15.77
C ALA D 154 -2.22 8.47 16.83
N PHE D 155 -2.38 7.24 16.36
CA PHE D 155 -2.53 6.09 17.26
C PHE D 155 -1.51 5.06 16.94
N GLN D 156 -0.70 4.74 17.95
CA GLN D 156 0.30 3.72 17.84
C GLN D 156 -0.21 2.43 18.46
N ASP D 157 -0.27 1.39 17.64
CA ASP D 157 -0.47 0.05 18.15
C ASP D 157 0.90 -0.59 18.35
N ILE D 158 1.13 -1.12 19.57
CA ILE D 158 2.36 -1.83 19.94
C ILE D 158 2.18 -3.36 20.01
N GLY D 159 0.99 -3.86 19.65
CA GLY D 159 0.71 -5.30 19.65
C GLY D 159 -0.53 -5.76 20.43
N ALA D 160 -1.53 -4.89 20.55
CA ALA D 160 -2.77 -5.21 21.21
C ALA D 160 -3.82 -5.67 20.18
N CYS D 161 -4.95 -6.19 20.66
CA CYS D 161 -6.12 -6.42 19.83
C CYS D 161 -7.15 -5.33 20.17
N VAL D 162 -7.14 -4.24 19.41
CA VAL D 162 -7.94 -3.05 19.71
C VAL D 162 -8.90 -2.77 18.61
N ALA D 163 -10.13 -2.44 18.97
CA ALA D 163 -11.04 -1.84 18.01
C ALA D 163 -11.36 -0.40 18.44
N LEU D 164 -10.94 0.56 17.64
CA LEU D 164 -11.16 1.92 17.96
C LEU D 164 -12.44 2.35 17.23
N LEU D 165 -13.48 2.58 18.02
CA LEU D 165 -14.84 2.68 17.50
C LEU D 165 -15.28 4.10 17.37
N SER D 166 -14.59 4.98 18.06
CA SER D 166 -15.01 6.37 18.07
C SER D 166 -13.86 7.29 18.45
N VAL D 167 -13.73 8.40 17.73
CA VAL D 167 -12.74 9.42 18.01
C VAL D 167 -13.38 10.80 17.81
N ARG D 168 -13.54 11.51 18.93
CA ARG D 168 -14.25 12.76 18.91
C ARG D 168 -13.35 13.83 19.56
N VAL D 169 -13.10 14.91 18.81
CA VAL D 169 -12.15 15.94 19.21
C VAL D 169 -12.90 17.25 19.26
N TYR D 170 -12.92 17.87 20.43
CA TYR D 170 -13.65 19.11 20.52
C TYR D 170 -12.92 20.11 21.40
N TYR D 171 -13.35 21.35 21.38
CA TYR D 171 -12.88 22.29 22.40
C TYR D 171 -14.02 23.08 22.98
N LYS D 172 -13.75 23.78 24.09
CA LYS D 172 -14.83 24.41 24.83
C LYS D 172 -14.88 25.87 24.48
N LYS D 173 -16.01 26.31 23.97
CA LYS D 173 -16.16 27.72 23.60
C LYS D 173 -17.38 28.27 24.32
N CYS D 174 -17.21 29.36 25.04
CA CYS D 174 -18.29 29.93 25.89
C CYS D 174 -18.92 28.93 26.90
N GLU E 1 6.76 -33.85 -36.74
CA GLU E 1 7.42 -32.55 -37.01
C GLU E 1 8.62 -32.42 -36.11
N VAL E 2 9.76 -32.03 -36.68
CA VAL E 2 10.99 -31.85 -35.92
C VAL E 2 11.27 -30.38 -35.93
N VAL E 3 11.27 -29.80 -34.74
CA VAL E 3 11.35 -28.36 -34.60
C VAL E 3 12.80 -27.91 -34.55
N LEU E 4 13.15 -27.01 -35.46
CA LEU E 4 14.53 -26.50 -35.52
C LEU E 4 14.70 -25.22 -34.75
N LEU E 5 13.65 -24.42 -34.78
CA LEU E 5 13.63 -23.14 -34.17
C LEU E 5 12.20 -22.86 -33.82
N ASP E 6 12.02 -22.29 -32.64
CA ASP E 6 10.70 -21.95 -32.13
C ASP E 6 10.72 -20.69 -31.25
N PHE E 7 10.40 -19.55 -31.86
CA PHE E 7 10.57 -18.25 -31.20
C PHE E 7 9.73 -18.09 -29.92
N ALA E 8 8.44 -18.40 -30.03
CA ALA E 8 7.49 -18.27 -28.89
C ALA E 8 7.77 -19.17 -27.69
N ALA E 9 8.49 -20.29 -27.89
CA ALA E 9 8.86 -21.22 -26.83
C ALA E 9 10.01 -20.70 -25.99
N ALA E 10 10.26 -21.36 -24.86
CA ALA E 10 10.87 -20.76 -23.67
C ALA E 10 12.35 -20.32 -23.75
N GLY E 11 12.68 -19.46 -24.71
CA GLY E 11 14.03 -18.92 -24.79
C GLY E 11 14.33 -18.75 -26.24
N GLY E 12 13.26 -18.85 -27.06
CA GLY E 12 13.37 -18.66 -28.50
C GLY E 12 13.66 -17.21 -28.87
N GLU E 13 13.41 -16.29 -27.92
CA GLU E 13 13.57 -14.85 -28.15
C GLU E 13 15.02 -14.42 -28.02
N LEU E 14 15.90 -15.32 -27.57
CA LEU E 14 17.30 -14.99 -27.43
C LEU E 14 18.08 -15.27 -28.72
N GLY E 15 19.07 -14.44 -29.01
CA GLY E 15 20.08 -14.79 -30.00
C GLY E 15 19.84 -14.28 -31.42
N TRP E 16 18.95 -13.27 -31.57
CA TRP E 16 18.65 -12.69 -32.87
C TRP E 16 19.37 -11.37 -33.06
N LEU E 17 19.72 -11.08 -34.29
CA LEU E 17 20.45 -9.91 -34.66
C LEU E 17 19.50 -8.94 -35.40
N THR E 18 19.68 -7.65 -35.13
CA THR E 18 18.90 -6.63 -35.80
C THR E 18 19.82 -5.64 -36.47
N HIS E 19 19.54 -5.32 -37.73
CA HIS E 19 20.37 -4.40 -38.47
C HIS E 19 19.44 -3.64 -39.38
N PRO E 20 19.50 -2.29 -39.36
CA PRO E 20 20.34 -1.51 -38.47
C PRO E 20 19.84 -1.58 -37.04
N TYR E 21 20.71 -1.25 -36.09
CA TYR E 21 20.34 -1.41 -34.70
C TYR E 21 19.91 -0.10 -34.08
N GLY E 22 18.82 -0.13 -33.34
CA GLY E 22 18.43 1.00 -32.52
C GLY E 22 17.07 1.55 -32.90
N LYS E 23 16.82 1.62 -34.19
CA LYS E 23 15.50 1.94 -34.68
C LYS E 23 14.83 0.63 -35.19
N GLY E 24 14.86 0.23 -36.45
CA GLY E 24 14.14 -0.98 -36.86
C GLY E 24 13.48 -1.95 -35.86
N TRP E 25 13.68 -3.24 -36.12
CA TRP E 25 13.08 -4.29 -35.32
C TRP E 25 13.50 -4.25 -33.86
N ASP E 26 12.52 -4.49 -32.99
CA ASP E 26 12.70 -4.32 -31.55
C ASP E 26 12.04 -5.49 -30.81
N LEU E 27 12.79 -6.16 -29.93
CA LEU E 27 12.22 -7.21 -29.08
C LEU E 27 11.38 -6.62 -27.95
N MET E 28 10.11 -6.96 -27.88
CA MET E 28 9.24 -6.40 -26.86
C MET E 28 8.58 -7.52 -26.10
N GLN E 29 8.37 -7.31 -24.80
CA GLN E 29 7.68 -8.29 -23.97
C GLN E 29 6.32 -7.78 -23.52
N ASN E 30 5.26 -8.46 -23.96
CA ASN E 30 3.96 -8.33 -23.34
C ASN E 30 3.78 -9.43 -22.31
N ILE E 31 2.85 -9.20 -21.40
CA ILE E 31 2.60 -10.15 -20.35
C ILE E 31 1.11 -10.39 -20.34
N MET E 32 0.72 -11.67 -20.40
CA MET E 32 -0.69 -12.04 -20.29
C MET E 32 -0.81 -13.17 -19.32
N ASN E 33 -1.62 -12.96 -18.29
CA ASN E 33 -1.81 -13.89 -17.18
C ASN E 33 -0.47 -14.39 -16.67
N ASP E 34 0.42 -13.44 -16.37
CA ASP E 34 1.77 -13.70 -15.86
C ASP E 34 2.67 -14.45 -16.83
N MET E 35 2.19 -14.73 -18.04
CA MET E 35 3.08 -15.34 -19.03
C MET E 35 3.74 -14.26 -19.85
N PRO E 36 5.08 -14.27 -19.92
CA PRO E 36 5.76 -13.38 -20.87
C PRO E 36 5.47 -13.81 -22.32
N ILE E 37 5.04 -12.86 -23.13
CA ILE E 37 4.87 -13.08 -24.55
C ILE E 37 5.65 -12.08 -25.37
N TYR E 38 6.71 -12.60 -26.00
CA TYR E 38 7.70 -11.81 -26.74
C TYR E 38 7.30 -11.70 -28.16
N MET E 39 7.80 -10.64 -28.79
CA MET E 39 7.54 -10.34 -30.19
C MET E 39 8.65 -9.46 -30.74
N TYR E 40 8.83 -9.53 -32.06
CA TYR E 40 9.70 -8.60 -32.71
C TYR E 40 8.82 -7.65 -33.48
N SER E 41 9.03 -6.38 -33.24
CA SER E 41 8.11 -5.39 -33.72
C SER E 41 8.81 -4.15 -34.30
N VAL E 42 8.16 -3.55 -35.28
CA VAL E 42 8.66 -2.35 -35.96
C VAL E 42 7.49 -1.60 -36.55
N CYS E 43 7.52 -0.28 -36.42
CA CYS E 43 6.46 0.60 -36.92
C CYS E 43 7.03 1.95 -37.40
N ASN E 44 8.00 1.91 -38.30
CA ASN E 44 8.51 3.15 -38.89
C ASN E 44 7.74 3.47 -40.16
N VAL E 45 6.49 3.87 -39.97
CA VAL E 45 5.58 4.07 -41.11
C VAL E 45 5.63 5.50 -41.66
N MET E 46 6.20 6.42 -40.87
CA MET E 46 6.15 7.86 -41.17
C MET E 46 7.38 8.36 -41.93
N SER E 47 8.41 7.54 -42.05
CA SER E 47 9.59 7.91 -42.85
C SER E 47 9.88 6.83 -43.86
N GLY E 48 10.28 7.27 -45.04
CA GLY E 48 10.47 6.33 -46.13
C GLY E 48 11.78 5.60 -46.04
N ASP E 49 12.07 4.83 -47.07
CA ASP E 49 13.39 4.22 -47.19
C ASP E 49 13.71 3.22 -46.07
N GLN E 50 12.67 2.60 -45.50
CA GLN E 50 12.88 1.65 -44.44
C GLN E 50 13.47 0.38 -45.03
N ASP E 51 14.56 -0.08 -44.43
CA ASP E 51 15.22 -1.32 -44.81
C ASP E 51 15.72 -2.00 -43.54
N ASN E 52 14.81 -2.48 -42.73
CA ASN E 52 15.18 -3.03 -41.44
C ASN E 52 15.21 -4.57 -41.42
N TRP E 53 16.29 -5.11 -40.86
CA TRP E 53 16.53 -6.54 -40.93
C TRP E 53 16.53 -7.18 -39.56
N LEU E 54 15.85 -8.32 -39.49
CA LEU E 54 15.88 -9.20 -38.32
C LEU E 54 16.38 -10.57 -38.77
N ARG E 55 17.46 -11.03 -38.16
CA ARG E 55 18.07 -12.31 -38.51
C ARG E 55 18.07 -13.28 -37.35
N THR E 56 17.59 -14.49 -37.60
CA THR E 56 17.67 -15.54 -36.58
C THR E 56 19.13 -15.88 -36.25
N ASN E 57 19.28 -16.64 -35.17
CA ASN E 57 20.50 -17.35 -34.82
C ASN E 57 20.85 -18.35 -35.90
N TRP E 58 22.10 -18.83 -35.91
CA TRP E 58 22.48 -19.95 -36.77
C TRP E 58 21.65 -21.23 -36.47
N VAL E 59 21.08 -21.83 -37.50
CA VAL E 59 20.25 -23.02 -37.32
C VAL E 59 20.86 -24.16 -38.10
N TYR E 60 21.14 -25.27 -37.41
CA TYR E 60 21.66 -26.49 -38.04
C TYR E 60 20.63 -27.17 -38.93
N ARG E 61 21.09 -27.70 -40.06
CA ARG E 61 20.22 -28.36 -40.98
C ARG E 61 19.88 -29.79 -40.52
N GLY E 62 20.86 -30.47 -39.92
CA GLY E 62 20.79 -31.91 -39.71
C GLY E 62 20.53 -32.68 -41.00
N GLU E 63 19.49 -33.50 -41.03
CA GLU E 63 19.16 -34.25 -42.24
C GLU E 63 18.01 -33.59 -43.03
N ALA E 64 17.54 -32.43 -42.58
CA ALA E 64 16.44 -31.72 -43.23
C ALA E 64 16.80 -31.35 -44.65
N GLU E 65 15.84 -31.49 -45.56
CA GLU E 65 16.05 -31.11 -46.96
C GLU E 65 15.12 -29.98 -47.32
N ARG E 66 13.87 -30.11 -46.89
CA ARG E 66 12.92 -29.04 -47.02
C ARG E 66 12.46 -28.66 -45.61
N ILE E 67 12.54 -27.36 -45.30
CA ILE E 67 12.09 -26.92 -43.99
C ILE E 67 10.80 -26.15 -44.20
N PHE E 68 9.95 -26.14 -43.17
CA PHE E 68 8.70 -25.41 -43.22
C PHE E 68 8.77 -24.29 -42.21
N ILE E 69 8.26 -23.12 -42.61
CA ILE E 69 8.42 -21.91 -41.82
C ILE E 69 7.06 -21.32 -41.50
N GLU E 70 6.71 -21.32 -40.22
CA GLU E 70 5.41 -20.79 -39.82
C GLU E 70 5.60 -19.47 -39.11
N LEU E 71 4.91 -18.45 -39.62
CA LEU E 71 4.93 -17.09 -39.06
C LEU E 71 3.58 -16.66 -38.56
N LYS E 72 3.58 -16.10 -37.36
CA LYS E 72 2.38 -15.45 -36.81
C LYS E 72 2.71 -14.01 -36.54
N PHE E 73 1.82 -13.15 -36.99
CA PHE E 73 2.06 -11.71 -37.00
C PHE E 73 0.78 -10.89 -37.13
N THR E 74 0.91 -9.62 -36.77
CA THR E 74 -0.16 -8.67 -37.01
C THR E 74 0.41 -7.54 -37.83
N VAL E 75 -0.46 -6.95 -38.63
CA VAL E 75 -0.13 -5.79 -39.40
C VAL E 75 -1.14 -4.70 -39.13
N ARG E 76 -0.64 -3.51 -38.76
CA ARG E 76 -1.52 -2.41 -38.51
C ARG E 76 -1.89 -1.73 -39.80
N ASP E 77 -3.18 -1.40 -39.91
CA ASP E 77 -3.72 -0.72 -41.08
C ASP E 77 -2.99 0.61 -41.35
N CYS E 78 -2.54 0.78 -42.59
CA CYS E 78 -1.84 2.01 -42.94
C CYS E 78 -2.76 3.26 -42.84
N ASN E 79 -4.07 3.05 -42.98
CA ASN E 79 -5.02 4.16 -42.84
C ASN E 79 -5.34 4.53 -41.40
N SER E 80 -4.74 3.81 -40.44
CA SER E 80 -4.90 4.16 -39.03
C SER E 80 -3.83 5.13 -38.49
N PHE E 81 -2.99 5.68 -39.37
CA PHE E 81 -2.04 6.72 -38.97
C PHE E 81 -2.56 8.05 -39.52
N PRO E 82 -3.25 8.88 -38.68
CA PRO E 82 -4.11 10.02 -39.09
C PRO E 82 -3.46 10.83 -40.19
N GLY E 83 -4.06 11.85 -40.77
CA GLY E 83 -3.34 12.61 -41.86
C GLY E 83 -2.64 12.01 -43.10
N GLY E 84 -2.23 10.73 -43.13
CA GLY E 84 -1.53 10.28 -44.34
C GLY E 84 -0.58 9.12 -44.38
N ALA E 85 0.63 9.27 -43.85
CA ALA E 85 1.64 8.14 -43.91
C ALA E 85 1.78 7.45 -45.30
N SER E 86 2.26 8.18 -46.29
CA SER E 86 2.32 7.67 -47.65
C SER E 86 3.32 6.54 -47.90
N SER E 87 4.28 6.38 -47.00
CA SER E 87 5.36 5.40 -47.17
C SER E 87 5.06 4.13 -46.37
N CYS E 88 3.90 4.08 -45.75
CA CYS E 88 3.48 2.95 -44.95
C CYS E 88 3.24 1.72 -45.84
N LYS E 89 3.74 0.56 -45.41
CA LYS E 89 3.49 -0.68 -46.12
C LYS E 89 2.63 -1.63 -45.31
N GLU E 90 2.01 -2.60 -45.97
CA GLU E 90 1.28 -3.63 -45.24
C GLU E 90 1.85 -5.03 -45.49
N THR E 91 3.09 -5.09 -45.95
CA THR E 91 3.78 -6.37 -46.13
C THR E 91 5.18 -6.32 -45.53
N PHE E 92 5.80 -7.50 -45.40
CA PHE E 92 7.22 -7.64 -45.09
C PHE E 92 7.81 -8.83 -45.84
N ASN E 93 9.14 -8.94 -45.87
CA ASN E 93 9.79 -9.98 -46.69
C ASN E 93 10.49 -11.03 -45.89
N LEU E 94 10.52 -12.24 -46.44
CA LEU E 94 11.13 -13.36 -45.79
C LEU E 94 12.32 -13.78 -46.63
N TYR E 95 13.47 -13.89 -45.98
CA TYR E 95 14.68 -14.31 -46.62
C TYR E 95 15.37 -15.45 -45.88
N TYR E 96 16.36 -16.04 -46.53
CA TYR E 96 17.22 -17.04 -45.90
C TYR E 96 18.57 -17.07 -46.58
N ALA E 97 19.54 -17.68 -45.90
CA ALA E 97 20.85 -17.96 -46.43
C ALA E 97 21.35 -19.24 -45.80
N GLU E 98 22.00 -20.06 -46.60
CA GLU E 98 22.70 -21.26 -46.17
C GLU E 98 24.18 -20.99 -46.00
N SER E 99 24.77 -21.70 -45.03
CA SER E 99 26.22 -21.72 -44.92
C SER E 99 26.77 -22.91 -44.11
N ASP E 100 28.02 -23.25 -44.40
CA ASP E 100 28.67 -24.34 -43.70
C ASP E 100 29.31 -23.90 -42.39
N LEU E 101 29.24 -22.59 -42.12
CA LEU E 101 29.86 -22.03 -40.94
C LEU E 101 29.02 -20.89 -40.36
N ASP E 102 29.16 -20.66 -39.05
CA ASP E 102 28.50 -19.57 -38.34
C ASP E 102 29.16 -18.20 -38.65
N TYR E 103 28.37 -17.25 -39.16
CA TYR E 103 28.87 -15.90 -39.47
C TYR E 103 29.05 -15.02 -38.27
N GLY E 104 28.57 -15.46 -37.11
CA GLY E 104 28.48 -14.64 -35.92
C GLY E 104 27.60 -13.42 -36.16
N THR E 105 28.13 -12.23 -35.90
CA THR E 105 27.34 -11.01 -36.02
C THR E 105 27.48 -10.40 -37.38
N ASN E 106 28.25 -11.05 -38.24
CA ASN E 106 28.46 -10.54 -39.59
C ASN E 106 27.31 -10.90 -40.51
N PHE E 107 26.30 -10.04 -40.54
CA PHE E 107 25.19 -10.16 -41.45
C PHE E 107 25.37 -9.31 -42.73
N GLN E 108 25.01 -9.85 -43.89
CA GLN E 108 24.97 -9.08 -45.14
C GLN E 108 23.78 -9.46 -45.98
N LYS E 109 22.91 -8.47 -46.17
CA LYS E 109 21.70 -8.57 -46.98
C LYS E 109 21.88 -9.33 -48.25
N ARG E 110 23.00 -9.05 -48.92
CA ARG E 110 23.26 -9.51 -50.26
C ARG E 110 23.50 -11.00 -50.37
N LEU E 111 23.84 -11.64 -49.24
CA LEU E 111 24.06 -13.07 -49.17
C LEU E 111 22.76 -13.84 -49.05
N PHE E 112 21.66 -13.11 -48.87
CA PHE E 112 20.35 -13.73 -48.58
C PHE E 112 19.51 -13.80 -49.81
N THR E 113 18.73 -14.87 -49.92
CA THR E 113 17.82 -15.08 -51.01
C THR E 113 16.43 -14.85 -50.50
N LYS E 114 15.61 -14.11 -51.26
CA LYS E 114 14.21 -13.89 -50.89
C LYS E 114 13.40 -15.19 -51.05
N ILE E 115 12.55 -15.45 -50.08
CA ILE E 115 11.61 -16.56 -50.15
C ILE E 115 10.29 -16.10 -50.71
N ASP E 116 9.69 -15.07 -50.10
CA ASP E 116 8.39 -14.56 -50.52
C ASP E 116 8.09 -13.25 -49.83
N THR E 117 7.21 -12.46 -50.45
CA THR E 117 6.49 -11.41 -49.75
C THR E 117 5.49 -12.04 -48.76
N ILE E 118 5.57 -11.61 -47.50
CA ILE E 118 4.55 -12.00 -46.53
C ILE E 118 3.46 -10.91 -46.35
N ALA E 119 2.21 -11.32 -46.55
CA ALA E 119 1.07 -10.40 -46.56
C ALA E 119 -0.04 -10.91 -45.64
N PRO E 120 -0.67 -10.01 -44.85
CA PRO E 120 -1.70 -10.41 -43.94
C PRO E 120 -3.04 -10.65 -44.65
N ASP E 121 -3.70 -11.76 -44.31
CA ASP E 121 -5.09 -11.98 -44.68
C ASP E 121 -5.94 -10.90 -44.02
N GLU E 122 -5.53 -10.50 -42.81
CA GLU E 122 -6.34 -9.62 -41.98
C GLU E 122 -5.51 -8.50 -41.39
N ILE E 123 -5.72 -7.31 -41.90
CA ILE E 123 -5.14 -6.11 -41.36
C ILE E 123 -5.93 -5.71 -40.10
N THR E 124 -5.25 -5.18 -39.11
CA THR E 124 -5.92 -4.71 -37.89
C THR E 124 -6.27 -3.24 -38.07
N VAL E 125 -7.58 -2.96 -38.12
CA VAL E 125 -8.03 -1.59 -38.35
C VAL E 125 -8.08 -0.84 -37.03
N SER E 126 -8.17 0.49 -37.13
CA SER E 126 -8.16 1.39 -35.99
C SER E 126 -9.09 0.98 -34.84
N SER E 127 -10.32 0.60 -35.16
CA SER E 127 -11.29 0.28 -34.11
C SER E 127 -11.03 -1.11 -33.47
N ASP E 128 -10.28 -1.97 -34.18
CA ASP E 128 -9.89 -3.29 -33.64
C ASP E 128 -9.14 -3.26 -32.28
N PHE E 129 -8.31 -2.23 -32.07
CA PHE E 129 -7.56 -2.11 -30.83
C PHE E 129 -8.43 -1.89 -29.61
N GLU E 130 -9.40 -0.99 -29.70
CA GLU E 130 -10.32 -0.81 -28.59
C GLU E 130 -11.32 -1.94 -28.47
N ALA E 131 -11.62 -2.59 -29.60
CA ALA E 131 -12.53 -3.71 -29.60
C ALA E 131 -11.83 -4.97 -29.08
N ARG E 132 -10.52 -4.86 -28.80
CA ARG E 132 -9.71 -6.02 -28.42
C ARG E 132 -9.85 -7.16 -29.45
N HIS E 133 -9.85 -6.79 -30.73
CA HIS E 133 -10.11 -7.66 -31.83
C HIS E 133 -8.91 -7.57 -32.75
N VAL E 134 -7.70 -7.55 -32.17
CA VAL E 134 -6.46 -7.54 -32.94
C VAL E 134 -6.32 -8.81 -33.73
N LYS E 135 -5.90 -8.68 -34.99
CA LYS E 135 -5.95 -9.79 -35.93
C LYS E 135 -4.64 -10.49 -36.11
N LEU E 136 -4.62 -11.76 -35.69
CA LEU E 136 -3.41 -12.55 -35.77
C LEU E 136 -3.40 -13.33 -37.07
N ASN E 137 -2.36 -13.16 -37.88
CA ASN E 137 -2.24 -13.85 -39.16
C ASN E 137 -1.26 -15.03 -39.06
N VAL E 138 -1.55 -16.10 -39.79
CA VAL E 138 -0.66 -17.24 -39.87
C VAL E 138 -0.26 -17.39 -41.33
N GLU E 139 1.04 -17.49 -41.59
CA GLU E 139 1.51 -17.72 -42.95
C GLU E 139 2.58 -18.78 -42.90
N GLU E 140 2.48 -19.76 -43.79
CA GLU E 140 3.52 -20.77 -43.92
C GLU E 140 4.23 -20.75 -45.29
N ARG E 141 5.55 -20.90 -45.26
CA ARG E 141 6.34 -21.05 -46.46
C ARG E 141 7.32 -22.20 -46.26
N SER E 142 7.88 -22.68 -47.37
CA SER E 142 8.88 -23.72 -47.27
C SER E 142 10.04 -23.43 -48.20
N VAL E 143 11.19 -24.00 -47.86
CA VAL E 143 12.41 -23.79 -48.64
C VAL E 143 13.21 -25.07 -48.74
N GLY E 144 13.86 -25.25 -49.89
CA GLY E 144 14.64 -26.45 -50.12
C GLY E 144 14.97 -26.67 -51.57
N PRO E 145 15.82 -27.65 -51.87
CA PRO E 145 16.51 -28.43 -50.82
C PRO E 145 17.70 -27.69 -50.18
N LEU E 146 17.76 -27.71 -48.86
CA LEU E 146 18.93 -27.23 -48.16
C LEU E 146 20.01 -28.31 -48.21
N THR E 147 21.27 -27.89 -48.28
CA THR E 147 22.40 -28.82 -48.42
C THR E 147 23.59 -28.54 -47.48
N ARG E 148 23.62 -27.35 -46.90
CA ARG E 148 24.76 -26.93 -46.08
C ARG E 148 24.55 -27.36 -44.65
N LYS E 149 25.54 -27.08 -43.81
CA LYS E 149 25.52 -27.49 -42.42
C LYS E 149 24.43 -26.72 -41.65
N GLY E 150 24.29 -25.45 -41.98
CA GLY E 150 23.35 -24.60 -41.30
C GLY E 150 22.72 -23.56 -42.22
N PHE E 151 21.83 -22.77 -41.62
CA PHE E 151 21.10 -21.77 -42.34
C PHE E 151 20.62 -20.69 -41.38
N TYR E 152 20.22 -19.57 -41.96
CA TYR E 152 19.63 -18.46 -41.23
C TYR E 152 18.33 -18.10 -41.90
N LEU E 153 17.43 -17.53 -41.13
CA LEU E 153 16.27 -16.87 -41.70
C LEU E 153 16.39 -15.40 -41.41
N ALA E 154 15.81 -14.56 -42.27
CA ALA E 154 15.82 -13.12 -42.00
C ALA E 154 14.53 -12.40 -42.47
N PHE E 155 14.22 -11.29 -41.82
CA PHE E 155 13.00 -10.55 -42.09
C PHE E 155 13.33 -9.10 -42.36
N GLN E 156 12.93 -8.65 -43.53
CA GLN E 156 13.11 -7.31 -43.97
C GLN E 156 11.82 -6.55 -43.80
N ASP E 157 11.89 -5.52 -42.98
CA ASP E 157 10.83 -4.56 -42.89
C ASP E 157 11.16 -3.46 -43.90
N ILE E 158 10.19 -3.14 -44.75
CA ILE E 158 10.26 -2.07 -45.75
C ILE E 158 9.42 -0.84 -45.39
N GLY E 159 8.86 -0.82 -44.19
CA GLY E 159 8.08 0.34 -43.71
C GLY E 159 6.64 0.03 -43.29
N ALA E 160 6.43 -1.15 -42.69
CA ALA E 160 5.13 -1.57 -42.25
C ALA E 160 5.05 -1.45 -40.74
N CYS E 161 3.86 -1.60 -40.17
CA CYS E 161 3.70 -1.71 -38.74
C CYS E 161 3.34 -3.17 -38.46
N VAL E 162 4.40 -3.95 -38.20
CA VAL E 162 4.30 -5.40 -37.98
C VAL E 162 4.68 -5.82 -36.58
N ALA E 163 3.89 -6.68 -35.98
CA ALA E 163 4.35 -7.38 -34.81
C ALA E 163 4.51 -8.86 -35.16
N LEU E 164 5.73 -9.37 -35.08
CA LEU E 164 6.01 -10.74 -35.42
C LEU E 164 6.00 -11.56 -34.13
N LEU E 165 4.92 -12.31 -33.93
CA LEU E 165 4.66 -12.95 -32.63
C LEU E 165 5.20 -14.37 -32.53
N SER E 166 5.48 -14.99 -33.66
CA SER E 166 5.85 -16.40 -33.63
C SER E 166 6.56 -16.80 -34.92
N VAL E 167 7.63 -17.56 -34.74
CA VAL E 167 8.45 -18.06 -35.83
C VAL E 167 8.82 -19.50 -35.51
N ARG E 168 8.19 -20.41 -36.23
CA ARG E 168 8.37 -21.82 -36.00
C ARG E 168 8.88 -22.50 -37.28
N VAL E 169 10.03 -23.15 -37.15
CA VAL E 169 10.72 -23.77 -38.27
C VAL E 169 10.85 -25.23 -37.98
N TYR E 170 10.37 -26.04 -38.91
CA TYR E 170 10.40 -27.47 -38.71
C TYR E 170 10.53 -28.20 -40.06
N TYR E 171 10.86 -29.49 -40.00
CA TYR E 171 10.82 -30.33 -41.16
C TYR E 171 10.12 -31.65 -40.87
N LYS E 172 9.74 -32.35 -41.93
CA LYS E 172 8.96 -33.55 -41.77
C LYS E 172 9.88 -34.76 -41.81
N LYS E 173 9.83 -35.54 -40.73
CA LYS E 173 10.64 -36.74 -40.66
C LYS E 173 9.69 -37.88 -40.40
N CYS E 174 9.71 -38.87 -41.27
CA CYS E 174 8.80 -40.06 -41.17
C CYS E 174 7.29 -39.73 -41.16
N GLU F 1 -26.84 3.30 -28.05
CA GLU F 1 -26.11 3.03 -26.78
C GLU F 1 -25.42 4.29 -26.28
N VAL F 2 -25.58 4.58 -24.99
CA VAL F 2 -24.95 5.73 -24.36
C VAL F 2 -23.88 5.23 -23.41
N VAL F 3 -22.62 5.56 -23.69
CA VAL F 3 -21.49 4.99 -23.00
C VAL F 3 -21.13 5.83 -21.79
N LEU F 4 -21.15 5.21 -20.61
CA LEU F 4 -20.88 5.93 -19.37
C LEU F 4 -19.44 5.77 -18.93
N LEU F 5 -18.93 4.56 -19.14
CA LEU F 5 -17.56 4.24 -18.87
C LEU F 5 -17.03 3.26 -19.94
N ASP F 6 -15.79 3.48 -20.35
CA ASP F 6 -15.16 2.69 -21.39
C ASP F 6 -13.65 2.56 -21.18
N PHE F 7 -13.26 1.48 -20.49
CA PHE F 7 -11.88 1.29 -20.05
C PHE F 7 -10.84 1.29 -21.20
N ALA F 8 -11.17 0.59 -22.26
CA ALA F 8 -10.25 0.37 -23.38
C ALA F 8 -10.09 1.60 -24.23
N ALA F 9 -10.99 2.56 -24.11
CA ALA F 9 -10.89 3.82 -24.88
C ALA F 9 -9.89 4.78 -24.25
N ALA F 10 -9.58 5.85 -24.97
CA ALA F 10 -8.33 6.60 -24.79
C ALA F 10 -8.14 7.39 -23.48
N GLY F 11 -8.26 6.73 -22.34
CA GLY F 11 -8.03 7.41 -21.07
C GLY F 11 -8.92 6.75 -20.04
N GLY F 12 -9.51 5.63 -20.44
CA GLY F 12 -10.37 4.89 -19.52
C GLY F 12 -9.61 4.14 -18.43
N GLU F 13 -8.30 3.98 -18.63
CA GLU F 13 -7.42 3.32 -17.65
C GLU F 13 -7.06 4.21 -16.45
N LEU F 14 -7.39 5.50 -16.52
CA LEU F 14 -7.11 6.39 -15.41
C LEU F 14 -8.23 6.38 -14.38
N GLY F 15 -7.83 6.56 -13.13
CA GLY F 15 -8.75 6.97 -12.08
C GLY F 15 -9.44 5.84 -11.32
N TRP F 16 -8.86 4.63 -11.40
CA TRP F 16 -9.38 3.49 -10.65
C TRP F 16 -8.63 3.29 -9.36
N LEU F 17 -9.32 2.69 -8.39
CA LEU F 17 -8.76 2.45 -7.08
C LEU F 17 -8.56 0.95 -6.88
N THR F 18 -7.45 0.58 -6.25
CA THR F 18 -7.18 -0.81 -5.93
C THR F 18 -7.02 -0.95 -4.43
N HIS F 19 -7.68 -1.95 -3.87
CA HIS F 19 -7.57 -2.23 -2.46
C HIS F 19 -7.57 -3.75 -2.27
N PRO F 20 -6.56 -4.28 -1.55
CA PRO F 20 -5.45 -3.57 -0.93
C PRO F 20 -4.45 -3.16 -2.01
N TYR F 21 -3.67 -2.13 -1.72
CA TYR F 21 -2.76 -1.63 -2.72
C TYR F 21 -1.37 -2.27 -2.63
N GLY F 22 -0.81 -2.58 -3.80
CA GLY F 22 0.58 -3.05 -3.86
C GLY F 22 0.68 -4.46 -4.38
N LYS F 23 -0.20 -5.34 -3.88
CA LYS F 23 -0.31 -6.69 -4.42
C LYS F 23 -1.58 -6.66 -5.27
N GLY F 24 -2.60 -7.48 -5.04
CA GLY F 24 -3.83 -7.38 -5.83
C GLY F 24 -3.75 -6.92 -7.28
N TRP F 25 -4.82 -6.26 -7.71
CA TRP F 25 -5.01 -5.78 -9.09
C TRP F 25 -3.97 -4.76 -9.49
N ASP F 26 -3.56 -4.82 -10.77
CA ASP F 26 -2.36 -4.12 -11.28
C ASP F 26 -2.62 -3.68 -12.72
N LEU F 27 -2.48 -2.37 -12.96
CA LEU F 27 -2.66 -1.82 -14.29
C LEU F 27 -1.41 -2.04 -15.11
N MET F 28 -1.54 -2.75 -16.23
CA MET F 28 -0.39 -3.08 -17.05
C MET F 28 -0.66 -2.61 -18.46
N GLN F 29 0.38 -2.10 -19.10
CA GLN F 29 0.31 -1.73 -20.50
C GLN F 29 1.02 -2.72 -21.46
N ASN F 30 0.22 -3.44 -22.26
CA ASN F 30 0.78 -4.11 -23.42
C ASN F 30 0.79 -3.18 -24.63
N ILE F 31 1.62 -3.50 -25.60
CA ILE F 31 1.71 -2.69 -26.80
C ILE F 31 1.60 -3.62 -27.99
N MET F 32 0.72 -3.26 -28.91
CA MET F 32 0.55 -4.02 -30.13
C MET F 32 0.45 -3.02 -31.26
N ASN F 33 1.35 -3.19 -32.25
CA ASN F 33 1.43 -2.32 -33.39
C ASN F 33 1.43 -0.84 -32.97
N ASP F 34 2.29 -0.55 -32.01
CA ASP F 34 2.39 0.77 -31.38
C ASP F 34 1.18 1.26 -30.62
N MET F 35 0.14 0.44 -30.50
CA MET F 35 -1.03 0.85 -29.75
C MET F 35 -0.92 0.38 -28.32
N PRO F 36 -1.05 1.29 -27.35
CA PRO F 36 -1.06 0.85 -25.97
C PRO F 36 -2.33 0.09 -25.65
N ILE F 37 -2.19 -1.12 -25.11
CA ILE F 37 -3.37 -1.86 -24.66
C ILE F 37 -3.35 -2.23 -23.15
N TYR F 38 -4.16 -1.51 -22.40
CA TYR F 38 -4.15 -1.57 -20.95
C TYR F 38 -5.05 -2.67 -20.46
N MET F 39 -4.73 -3.18 -19.28
CA MET F 39 -5.55 -4.19 -18.63
C MET F 39 -5.37 -4.10 -17.12
N TYR F 40 -6.39 -4.55 -16.40
CA TYR F 40 -6.20 -4.77 -14.98
C TYR F 40 -6.02 -6.26 -14.71
N SER F 41 -4.97 -6.58 -13.98
CA SER F 41 -4.53 -7.96 -13.92
C SER F 41 -4.08 -8.37 -12.53
N VAL F 42 -4.37 -9.63 -12.18
CA VAL F 42 -3.99 -10.20 -10.89
C VAL F 42 -3.81 -11.68 -11.06
N CYS F 43 -2.79 -12.23 -10.40
CA CYS F 43 -2.50 -13.66 -10.46
C CYS F 43 -1.84 -14.13 -9.17
N ASN F 44 -2.53 -13.91 -8.05
CA ASN F 44 -2.10 -14.44 -6.77
C ASN F 44 -2.73 -15.81 -6.53
N VAL F 45 -2.30 -16.80 -7.31
CA VAL F 45 -2.93 -18.13 -7.26
C VAL F 45 -2.33 -19.06 -6.22
N MET F 46 -1.13 -18.73 -5.73
CA MET F 46 -0.34 -19.59 -4.86
C MET F 46 -0.50 -19.29 -3.37
N SER F 47 -1.21 -18.24 -3.01
CA SER F 47 -1.53 -18.00 -1.61
C SER F 47 -3.02 -17.85 -1.44
N GLY F 48 -3.55 -18.34 -0.33
CA GLY F 48 -4.98 -18.35 -0.14
C GLY F 48 -5.47 -17.03 0.37
N ASP F 49 -6.75 -16.97 0.69
CA ASP F 49 -7.36 -15.79 1.32
C ASP F 49 -7.26 -14.51 0.48
N GLN F 50 -7.27 -14.66 -0.84
CA GLN F 50 -7.22 -13.48 -1.70
C GLN F 50 -8.55 -12.76 -1.63
N ASP F 51 -8.49 -11.44 -1.50
CA ASP F 51 -9.67 -10.57 -1.43
C ASP F 51 -9.25 -9.22 -1.97
N ASN F 52 -9.04 -9.18 -3.29
CA ASN F 52 -8.49 -8.01 -3.95
C ASN F 52 -9.57 -7.30 -4.69
N TRP F 53 -9.60 -5.98 -4.55
CA TRP F 53 -10.68 -5.16 -5.05
C TRP F 53 -10.18 -4.08 -6.00
N LEU F 54 -10.90 -3.94 -7.12
CA LEU F 54 -10.67 -2.93 -8.14
C LEU F 54 -11.95 -2.17 -8.32
N ARG F 55 -11.87 -0.86 -8.14
CA ARG F 55 -13.05 -0.03 -8.21
C ARG F 55 -12.86 1.05 -9.28
N THR F 56 -13.86 1.18 -10.12
CA THR F 56 -13.93 2.27 -11.05
C THR F 56 -14.00 3.63 -10.37
N ASN F 57 -13.80 4.68 -11.15
CA ASN F 57 -14.08 6.08 -10.78
C ASN F 57 -15.55 6.20 -10.53
N TRP F 58 -15.96 7.31 -9.94
CA TRP F 58 -17.37 7.69 -9.83
C TRP F 58 -18.00 7.87 -11.20
N VAL F 59 -19.15 7.26 -11.42
CA VAL F 59 -19.84 7.37 -12.70
C VAL F 59 -21.21 7.95 -12.46
N TYR F 60 -21.51 9.07 -13.10
CA TYR F 60 -22.84 9.70 -13.07
C TYR F 60 -23.95 8.84 -13.71
N ARG F 61 -25.13 8.87 -13.11
CA ARG F 61 -26.25 8.08 -13.59
C ARG F 61 -26.93 8.73 -14.77
N GLY F 62 -27.01 10.06 -14.75
CA GLY F 62 -27.85 10.79 -15.68
C GLY F 62 -29.29 10.31 -15.62
N GLU F 63 -29.86 9.99 -16.78
CA GLU F 63 -31.24 9.50 -16.83
C GLU F 63 -31.32 7.97 -16.93
N ALA F 64 -30.17 7.30 -16.84
CA ALA F 64 -30.08 5.84 -16.91
C ALA F 64 -30.87 5.16 -15.79
N GLU F 65 -31.60 4.09 -16.11
CA GLU F 65 -32.30 3.29 -15.10
C GLU F 65 -31.67 1.92 -15.01
N ARG F 66 -31.48 1.30 -16.16
CA ARG F 66 -30.78 0.04 -16.23
C ARG F 66 -29.51 0.21 -17.05
N ILE F 67 -28.38 -0.07 -16.43
CA ILE F 67 -27.13 0.02 -17.15
C ILE F 67 -26.70 -1.39 -17.56
N PHE F 68 -26.00 -1.48 -18.69
CA PHE F 68 -25.46 -2.73 -19.16
C PHE F 68 -23.93 -2.69 -19.05
N ILE F 69 -23.36 -3.80 -18.56
CA ILE F 69 -21.93 -3.87 -18.25
C ILE F 69 -21.27 -4.97 -19.06
N GLU F 70 -20.34 -4.60 -19.94
CA GLU F 70 -19.68 -5.55 -20.80
C GLU F 70 -18.24 -5.71 -20.36
N LEU F 71 -17.88 -6.98 -20.11
CA LEU F 71 -16.56 -7.36 -19.61
C LEU F 71 -15.80 -8.21 -20.60
N LYS F 72 -14.56 -7.85 -20.87
CA LYS F 72 -13.66 -8.71 -21.63
C LYS F 72 -12.44 -9.07 -20.78
N PHE F 73 -12.14 -10.37 -20.75
CA PHE F 73 -11.15 -10.88 -19.83
C PHE F 73 -10.63 -12.24 -20.26
N THR F 74 -9.47 -12.60 -19.74
CA THR F 74 -8.93 -13.92 -19.92
C THR F 74 -8.75 -14.46 -18.55
N VAL F 75 -8.83 -15.78 -18.44
CA VAL F 75 -8.54 -16.45 -17.21
C VAL F 75 -7.55 -17.60 -17.45
N ARG F 76 -6.42 -17.58 -16.75
CA ARG F 76 -5.47 -18.65 -16.89
C ARG F 76 -5.94 -19.95 -16.16
N ASP F 77 -5.74 -21.08 -16.82
CA ASP F 77 -6.10 -22.38 -16.28
C ASP F 77 -5.35 -22.66 -14.98
N CYS F 78 -6.08 -23.00 -13.93
CA CYS F 78 -5.46 -23.31 -12.63
C CYS F 78 -4.51 -24.52 -12.66
N ASN F 79 -4.70 -25.42 -13.62
CA ASN F 79 -3.79 -26.56 -13.81
C ASN F 79 -2.51 -26.19 -14.54
N SER F 80 -2.37 -24.93 -14.95
CA SER F 80 -1.14 -24.51 -15.60
C SER F 80 -0.09 -24.01 -14.62
N PHE F 81 -0.37 -24.12 -13.32
CA PHE F 81 0.60 -23.75 -12.31
C PHE F 81 1.17 -25.05 -11.74
N PRO F 82 2.37 -25.48 -12.21
CA PRO F 82 2.91 -26.84 -11.99
C PRO F 82 2.77 -27.26 -10.54
N GLY F 83 2.69 -28.54 -10.24
CA GLY F 83 2.68 -28.97 -8.84
C GLY F 83 1.41 -28.88 -8.01
N GLY F 84 0.47 -27.97 -8.32
CA GLY F 84 -0.70 -27.82 -7.43
C GLY F 84 -1.57 -26.57 -7.42
N ALA F 85 -1.15 -25.52 -6.71
CA ALA F 85 -1.98 -24.29 -6.57
C ALA F 85 -3.46 -24.58 -6.20
N SER F 86 -3.66 -25.12 -4.99
CA SER F 86 -4.97 -25.56 -4.52
C SER F 86 -5.96 -24.44 -4.25
N SER F 87 -5.46 -23.21 -4.08
CA SER F 87 -6.30 -22.04 -3.78
C SER F 87 -6.59 -21.22 -5.03
N CYS F 88 -6.18 -21.72 -6.17
CA CYS F 88 -6.40 -21.01 -7.42
C CYS F 88 -7.88 -21.08 -7.80
N LYS F 89 -8.39 -19.96 -8.32
CA LYS F 89 -9.80 -19.87 -8.73
C LYS F 89 -9.90 -19.63 -10.21
N GLU F 90 -11.03 -19.97 -10.80
CA GLU F 90 -11.25 -19.62 -12.20
C GLU F 90 -12.41 -18.62 -12.44
N THR F 91 -12.79 -17.88 -11.40
CA THR F 91 -13.86 -16.91 -11.50
C THR F 91 -13.46 -15.67 -10.75
N PHE F 92 -14.26 -14.62 -10.95
CA PHE F 92 -14.19 -13.39 -10.15
C PHE F 92 -15.58 -12.77 -9.99
N ASN F 93 -15.69 -11.80 -9.08
CA ASN F 93 -16.98 -11.21 -8.74
C ASN F 93 -17.16 -9.79 -9.21
N LEU F 94 -18.40 -9.47 -9.59
CA LEU F 94 -18.77 -8.16 -10.05
C LEU F 94 -19.68 -7.51 -9.03
N TYR F 95 -19.33 -6.29 -8.61
CA TYR F 95 -20.09 -5.58 -7.60
C TYR F 95 -20.37 -4.16 -8.03
N TYR F 96 -21.32 -3.52 -7.33
CA TYR F 96 -21.59 -2.11 -7.53
C TYR F 96 -22.09 -1.50 -6.25
N ALA F 97 -22.11 -0.17 -6.23
CA ALA F 97 -22.70 0.62 -5.15
C ALA F 97 -23.17 1.93 -5.73
N GLU F 98 -24.34 2.37 -5.30
CA GLU F 98 -24.88 3.65 -5.73
C GLU F 98 -24.57 4.67 -4.65
N SER F 99 -24.42 5.93 -5.03
CA SER F 99 -24.41 7.01 -4.06
C SER F 99 -24.68 8.38 -4.68
N ASP F 100 -25.15 9.31 -3.85
CA ASP F 100 -25.52 10.62 -4.31
C ASP F 100 -24.30 11.52 -4.29
N LEU F 101 -23.18 10.97 -3.80
CA LEU F 101 -21.95 11.75 -3.64
C LEU F 101 -20.68 10.92 -3.87
N ASP F 102 -19.63 11.60 -4.34
CA ASP F 102 -18.34 10.99 -4.62
C ASP F 102 -17.58 10.64 -3.34
N TYR F 103 -17.28 9.36 -3.14
CA TYR F 103 -16.55 8.89 -1.94
C TYR F 103 -15.05 9.21 -1.97
N GLY F 104 -14.56 9.62 -3.13
CA GLY F 104 -13.14 9.82 -3.31
C GLY F 104 -12.40 8.52 -3.23
N THR F 105 -11.42 8.45 -2.32
CA THR F 105 -10.59 7.24 -2.16
C THR F 105 -11.11 6.36 -1.03
N ASN F 106 -12.22 6.77 -0.42
CA ASN F 106 -12.82 5.95 0.61
C ASN F 106 -13.66 4.84 0.04
N PHE F 107 -13.03 3.70 -0.17
CA PHE F 107 -13.73 2.50 -0.58
C PHE F 107 -14.05 1.57 0.59
N GLN F 108 -15.28 1.05 0.61
CA GLN F 108 -15.70 0.03 1.59
C GLN F 108 -16.46 -1.10 0.97
N LYS F 109 -15.88 -2.30 1.05
CA LYS F 109 -16.46 -3.54 0.54
C LYS F 109 -17.93 -3.66 0.85
N ARG F 110 -18.25 -3.42 2.12
CA ARG F 110 -19.54 -3.72 2.64
C ARG F 110 -20.65 -2.87 2.06
N LEU F 111 -20.31 -1.77 1.40
CA LEU F 111 -21.31 -0.86 0.83
C LEU F 111 -21.74 -1.34 -0.55
N PHE F 112 -21.02 -2.33 -1.03
CA PHE F 112 -21.23 -2.86 -2.38
C PHE F 112 -22.11 -4.10 -2.40
N THR F 113 -22.93 -4.19 -3.44
CA THR F 113 -23.84 -5.29 -3.67
C THR F 113 -23.27 -6.10 -4.81
N LYS F 114 -23.27 -7.42 -4.63
CA LYS F 114 -22.83 -8.34 -5.66
C LYS F 114 -23.85 -8.33 -6.79
N ILE F 115 -23.36 -8.25 -8.02
CA ILE F 115 -24.17 -8.48 -9.21
C ILE F 115 -24.21 -9.97 -9.61
N ASP F 116 -23.04 -10.59 -9.78
CA ASP F 116 -22.92 -11.96 -10.23
C ASP F 116 -21.48 -12.44 -10.10
N THR F 117 -21.33 -13.76 -10.00
CA THR F 117 -20.07 -14.41 -10.30
C THR F 117 -19.79 -14.27 -11.81
N ILE F 118 -18.57 -13.87 -12.16
CA ILE F 118 -18.13 -13.86 -13.58
C ILE F 118 -17.23 -15.08 -13.90
N ALA F 119 -17.61 -15.82 -14.93
CA ALA F 119 -16.94 -17.07 -15.25
C ALA F 119 -16.60 -17.15 -16.73
N PRO F 120 -15.41 -17.66 -17.07
CA PRO F 120 -15.00 -17.76 -18.48
C PRO F 120 -15.66 -18.94 -19.21
N ASP F 121 -16.13 -18.71 -20.43
CA ASP F 121 -16.56 -19.78 -21.31
C ASP F 121 -15.32 -20.55 -21.73
N GLU F 122 -14.20 -19.83 -21.85
CA GLU F 122 -12.94 -20.43 -22.30
C GLU F 122 -11.74 -20.07 -21.43
N ILE F 123 -11.25 -21.07 -20.72
CA ILE F 123 -10.06 -20.90 -19.91
C ILE F 123 -8.88 -20.94 -20.88
N THR F 124 -7.79 -20.27 -20.55
CA THR F 124 -6.61 -20.34 -21.39
C THR F 124 -5.71 -21.41 -20.81
N VAL F 125 -5.47 -22.47 -21.58
CA VAL F 125 -4.61 -23.56 -21.10
C VAL F 125 -3.14 -23.27 -21.33
N SER F 126 -2.29 -24.08 -20.70
CA SER F 126 -0.84 -23.94 -20.80
C SER F 126 -0.25 -23.84 -22.23
N SER F 127 -0.76 -24.63 -23.16
CA SER F 127 -0.24 -24.61 -24.52
C SER F 127 -0.77 -23.42 -25.33
N ASP F 128 -1.86 -22.82 -24.89
CA ASP F 128 -2.44 -21.66 -25.59
C ASP F 128 -1.49 -20.46 -25.72
N PHE F 129 -0.68 -20.22 -24.71
CA PHE F 129 0.26 -19.10 -24.73
C PHE F 129 1.31 -19.21 -25.82
N GLU F 130 1.92 -20.37 -25.97
CA GLU F 130 2.87 -20.55 -27.06
C GLU F 130 2.18 -20.65 -28.39
N ALA F 131 0.96 -21.19 -28.41
CA ALA F 131 0.17 -21.28 -29.64
C ALA F 131 -0.38 -19.93 -30.04
N ARG F 132 -0.17 -18.93 -29.18
CA ARG F 132 -0.70 -17.60 -29.42
C ARG F 132 -2.20 -17.62 -29.63
N HIS F 133 -2.86 -18.43 -28.81
CA HIS F 133 -4.27 -18.75 -28.93
C HIS F 133 -4.93 -18.38 -27.59
N VAL F 134 -4.55 -17.22 -27.04
CA VAL F 134 -5.11 -16.79 -25.75
C VAL F 134 -6.61 -16.51 -25.89
N LYS F 135 -7.41 -17.01 -24.96
CA LYS F 135 -8.87 -16.93 -25.10
C LYS F 135 -9.51 -15.76 -24.40
N LEU F 136 -10.10 -14.90 -25.22
CA LEU F 136 -10.74 -13.70 -24.73
C LEU F 136 -12.22 -13.96 -24.52
N ASN F 137 -12.68 -13.74 -23.29
CA ASN F 137 -14.07 -13.98 -22.95
C ASN F 137 -14.84 -12.67 -22.89
N VAL F 138 -16.13 -12.74 -23.28
CA VAL F 138 -17.03 -11.59 -23.24
C VAL F 138 -18.24 -11.96 -22.38
N GLU F 139 -18.47 -11.16 -21.33
CA GLU F 139 -19.56 -11.39 -20.42
C GLU F 139 -20.29 -10.10 -20.20
N GLU F 140 -21.62 -10.14 -20.38
CA GLU F 140 -22.45 -8.98 -20.09
C GLU F 140 -23.39 -9.22 -18.93
N ARG F 141 -23.55 -8.20 -18.09
CA ARG F 141 -24.55 -8.17 -17.02
C ARG F 141 -25.23 -6.81 -17.00
N SER F 142 -26.38 -6.74 -16.34
CA SER F 142 -27.09 -5.49 -16.21
C SER F 142 -27.58 -5.30 -14.79
N VAL F 143 -27.75 -4.05 -14.40
CA VAL F 143 -28.20 -3.70 -13.07
C VAL F 143 -29.22 -2.56 -13.16
N GLY F 144 -30.13 -2.52 -12.19
CA GLY F 144 -31.20 -1.52 -12.18
C GLY F 144 -32.40 -1.95 -11.35
N PRO F 145 -33.30 -1.01 -11.07
CA PRO F 145 -33.13 0.36 -11.52
C PRO F 145 -32.18 1.15 -10.62
N LEU F 146 -31.30 1.95 -11.22
CA LEU F 146 -30.46 2.88 -10.49
C LEU F 146 -31.28 4.15 -10.25
N THR F 147 -31.09 4.76 -9.09
CA THR F 147 -31.88 5.95 -8.73
C THR F 147 -31.05 7.11 -8.19
N ARG F 148 -29.81 6.86 -7.80
CA ARG F 148 -28.95 7.92 -7.21
C ARG F 148 -28.23 8.71 -8.26
N LYS F 149 -27.51 9.73 -7.80
CA LYS F 149 -26.79 10.65 -8.67
C LYS F 149 -25.67 9.91 -9.42
N GLY F 150 -25.06 8.95 -8.74
CA GLY F 150 -23.93 8.22 -9.31
C GLY F 150 -23.80 6.80 -8.83
N PHE F 151 -22.77 6.14 -9.33
CA PHE F 151 -22.54 4.75 -8.98
C PHE F 151 -21.11 4.34 -9.25
N TYR F 152 -20.71 3.24 -8.62
CA TYR F 152 -19.42 2.63 -8.81
C TYR F 152 -19.57 1.19 -9.21
N LEU F 153 -18.58 0.70 -9.93
CA LEU F 153 -18.47 -0.70 -10.19
C LEU F 153 -17.21 -1.20 -9.51
N ALA F 154 -17.23 -2.47 -9.07
CA ALA F 154 -16.03 -3.01 -8.47
C ALA F 154 -15.82 -4.47 -8.83
N PHE F 155 -14.57 -4.90 -8.78
CA PHE F 155 -14.20 -6.25 -9.11
C PHE F 155 -13.37 -6.85 -8.00
N GLN F 156 -13.90 -7.97 -7.48
CA GLN F 156 -13.27 -8.72 -6.44
C GLN F 156 -12.57 -9.94 -7.04
N ASP F 157 -11.25 -9.93 -6.89
CA ASP F 157 -10.49 -11.14 -7.09
C ASP F 157 -10.43 -11.99 -5.81
N ILE F 158 -10.82 -13.25 -5.94
CA ILE F 158 -10.73 -14.20 -4.82
C ILE F 158 -9.54 -15.17 -4.93
N GLY F 159 -8.70 -15.01 -5.97
CA GLY F 159 -7.51 -15.86 -6.17
C GLY F 159 -7.41 -16.53 -7.53
N ALA F 160 -7.85 -15.81 -8.57
CA ALA F 160 -7.77 -16.29 -9.93
C ALA F 160 -6.58 -15.65 -10.64
N CYS F 161 -6.31 -16.08 -11.86
CA CYS F 161 -5.35 -15.44 -12.72
C CYS F 161 -6.16 -14.88 -13.85
N VAL F 162 -6.51 -13.59 -13.73
CA VAL F 162 -7.44 -12.90 -14.60
C VAL F 162 -6.77 -11.68 -15.22
N ALA F 163 -6.96 -11.51 -16.52
CA ALA F 163 -6.65 -10.24 -17.12
C ALA F 163 -7.93 -9.59 -17.61
N LEU F 164 -8.34 -8.51 -16.96
CA LEU F 164 -9.51 -7.78 -17.37
C LEU F 164 -9.07 -6.74 -18.41
N LEU F 165 -9.46 -7.00 -19.66
CA LEU F 165 -8.99 -6.19 -20.79
C LEU F 165 -9.94 -5.13 -21.22
N SER F 166 -11.20 -5.25 -20.83
CA SER F 166 -12.18 -4.28 -21.26
C SER F 166 -13.33 -4.20 -20.30
N VAL F 167 -13.81 -2.97 -20.06
CA VAL F 167 -14.96 -2.71 -19.21
C VAL F 167 -15.74 -1.59 -19.84
N ARG F 168 -16.91 -1.93 -20.35
CA ARG F 168 -17.73 -0.95 -21.03
C ARG F 168 -19.10 -0.95 -20.36
N VAL F 169 -19.55 0.25 -19.97
CA VAL F 169 -20.81 0.43 -19.24
C VAL F 169 -21.67 1.39 -20.05
N TYR F 170 -22.88 0.96 -20.35
CA TYR F 170 -23.75 1.80 -21.16
C TYR F 170 -25.20 1.55 -20.81
N TYR F 171 -26.08 2.42 -21.26
CA TYR F 171 -27.50 2.17 -21.14
C TYR F 171 -28.18 2.44 -22.47
N LYS F 172 -29.41 1.97 -22.60
CA LYS F 172 -30.15 2.11 -23.85
C LYS F 172 -31.07 3.32 -23.81
N LYS F 173 -30.89 4.20 -24.79
CA LYS F 173 -31.68 5.42 -24.87
C LYS F 173 -32.25 5.45 -26.25
N CYS F 174 -33.58 5.53 -26.32
CA CYS F 174 -34.33 5.51 -27.59
C CYS F 174 -33.97 4.26 -28.41
#